data_8ZNK
#
_entry.id   8ZNK
#
_cell.length_a   80.560
_cell.length_b   67.610
_cell.length_c   93.850
_cell.angle_alpha   90.00
_cell.angle_beta   99.40
_cell.angle_gamma   90.00
#
_symmetry.space_group_name_H-M   'P 1 21 1'
#
loop_
_entity.id
_entity.type
_entity.pdbx_description
1 polymer 'chromone glycosyltransferase (UGT93BB1)'
2 non-polymer "URIDINE-5'-DIPHOSPHATE"
3 water water
#
_entity_poly.entity_id   1
_entity_poly.type   'polypeptide(L)'
_entity_poly.pdbx_seq_one_letter_code
;MAASYNDHNHLASGESKSQIVVVMVPFPAQSHLNQLLHLSRLISPYNIPIHYVSTPSHVRQAKSRLQNWNINSATNFHIH
EYPIPSFEALPPNPNDPTKFPTHLLPLFHASRHLCEPVTALLHSLAATAHRVVVIHDVLISSVVQEVKNIPNAEAYALQS
VSVFNHFATIWEMMGKPSSVEDEALNHLPSQEGCVPMEFIEILMSQSHLANQFATGFIHNTSKAIEGKYVDFLDKEEFSG
NIKQWALGPFNPVSVSNEEKIRHKCLNFLDKQSPRSVMYVSFGTTISFTDEQIHELALGLEKSEQHFIWVLREADRGDIY
AGTERKTELPNGYEDRIKEKGMMVRDWVPQLEILAHPSTGGFMSHCGWNSCLDSLTMGVPVAAWPMHSDQPRNAMLVVDV
LKIGTFVNDWEKRSELVSSAMIAKAVKKLVASKEGAEIRKRAVEMGAAVRQSVADGGVTRMELDSFIAQISRI
;
_entity_poly.pdbx_strand_id   A,B
#
# COMPACT_ATOMS: atom_id res chain seq x y z
N GLN A 19 -18.81 -20.61 5.45
CA GLN A 19 -19.10 -19.60 4.44
C GLN A 19 -17.90 -19.29 3.52
N ILE A 20 -18.21 -19.04 2.26
CA ILE A 20 -17.26 -18.49 1.29
C ILE A 20 -17.57 -17.00 1.16
N VAL A 21 -16.53 -16.16 1.12
CA VAL A 21 -16.74 -14.75 0.84
C VAL A 21 -15.72 -14.30 -0.20
N VAL A 22 -16.15 -13.38 -1.07
CA VAL A 22 -15.36 -12.83 -2.16
C VAL A 22 -15.04 -11.37 -1.86
N VAL A 23 -13.79 -10.99 -2.10
CA VAL A 23 -13.36 -9.60 -1.99
C VAL A 23 -12.88 -9.15 -3.36
N MET A 24 -13.57 -8.16 -3.92
CA MET A 24 -13.26 -7.48 -5.18
C MET A 24 -12.35 -6.30 -4.94
N VAL A 25 -11.19 -6.28 -5.59
CA VAL A 25 -10.25 -5.17 -5.41
C VAL A 25 -9.87 -4.67 -6.80
N PRO A 26 -10.61 -3.74 -7.37
CA PRO A 26 -10.28 -3.25 -8.71
C PRO A 26 -9.11 -2.29 -8.65
N PHE A 27 -8.46 -2.13 -9.78
CA PHE A 27 -7.61 -0.96 -9.94
C PHE A 27 -8.49 0.29 -10.07
N PRO A 28 -8.14 1.38 -9.41
CA PRO A 28 -9.05 2.56 -9.47
C PRO A 28 -8.93 3.34 -10.78
N ALA A 29 -9.50 2.77 -11.84
CA ALA A 29 -9.70 3.47 -13.11
C ALA A 29 -10.97 2.91 -13.73
N GLN A 30 -11.64 3.74 -14.55
CA GLN A 30 -13.05 3.50 -14.87
C GLN A 30 -13.32 2.07 -15.32
N SER A 31 -12.62 1.60 -16.36
CA SER A 31 -12.91 0.29 -16.92
C SER A 31 -12.65 -0.81 -15.92
N HIS A 32 -11.62 -0.66 -15.08
CA HIS A 32 -11.31 -1.68 -14.09
C HIS A 32 -12.33 -1.69 -12.97
N LEU A 33 -12.77 -0.51 -12.51
CA LEU A 33 -13.82 -0.48 -11.50
C LEU A 33 -15.11 -1.10 -12.03
N ASN A 34 -15.48 -0.76 -13.27
CA ASN A 34 -16.73 -1.24 -13.82
C ASN A 34 -16.69 -2.74 -14.08
N GLN A 35 -15.53 -3.28 -14.50
CA GLN A 35 -15.41 -4.72 -14.74
C GLN A 35 -15.84 -5.52 -13.52
N LEU A 36 -15.32 -5.15 -12.34
CA LEU A 36 -15.58 -5.98 -11.16
C LEU A 36 -16.96 -5.73 -10.57
N LEU A 37 -17.58 -4.58 -10.82
CA LEU A 37 -19.00 -4.43 -10.49
C LEU A 37 -19.83 -5.43 -11.28
N HIS A 38 -19.55 -5.58 -12.58
CA HIS A 38 -20.33 -6.51 -13.38
C HIS A 38 -19.93 -7.96 -13.14
N LEU A 39 -18.68 -8.25 -12.78
CA LEU A 39 -18.37 -9.60 -12.29
C LEU A 39 -19.17 -9.90 -11.03
N SER A 40 -19.35 -8.90 -10.16
CA SER A 40 -20.20 -9.06 -8.99
C SER A 40 -21.64 -9.38 -9.40
N ARG A 41 -22.15 -8.67 -10.41
CA ARG A 41 -23.47 -8.98 -10.93
C ARG A 41 -23.58 -10.44 -11.35
N LEU A 42 -22.54 -10.97 -11.98
CA LEU A 42 -22.54 -12.36 -12.44
C LEU A 42 -22.41 -13.36 -11.29
N ILE A 43 -21.67 -13.01 -10.24
CA ILE A 43 -21.48 -13.96 -9.15
C ILE A 43 -22.67 -13.93 -8.19
N SER A 44 -23.41 -12.84 -8.18
CA SER A 44 -24.46 -12.64 -7.18
C SER A 44 -25.54 -13.72 -7.18
N PRO A 45 -26.05 -14.22 -8.32
CA PRO A 45 -27.07 -15.29 -8.27
C PRO A 45 -26.61 -16.56 -7.57
N TYR A 46 -25.31 -16.74 -7.34
CA TYR A 46 -24.81 -17.88 -6.62
C TYR A 46 -24.82 -17.69 -5.10
N ASN A 47 -25.32 -16.55 -4.63
CA ASN A 47 -25.47 -16.28 -3.20
C ASN A 47 -24.17 -16.45 -2.43
N ILE A 48 -23.12 -15.85 -2.96
CA ILE A 48 -21.82 -15.73 -2.32
C ILE A 48 -21.62 -14.27 -1.94
N PRO A 49 -21.39 -13.96 -0.67
CA PRO A 49 -21.22 -12.55 -0.29
C PRO A 49 -19.97 -11.95 -0.91
N ILE A 50 -20.08 -10.68 -1.30
CA ILE A 50 -19.04 -9.96 -2.02
C ILE A 50 -18.78 -8.64 -1.30
N HIS A 51 -17.51 -8.35 -1.07
CA HIS A 51 -17.04 -7.08 -0.52
C HIS A 51 -16.24 -6.37 -1.60
N TYR A 52 -16.76 -5.22 -2.05
CA TYR A 52 -16.15 -4.44 -3.12
C TYR A 52 -15.42 -3.26 -2.50
N VAL A 53 -14.12 -3.12 -2.82
CA VAL A 53 -13.22 -2.24 -2.09
C VAL A 53 -12.57 -1.23 -3.03
N SER A 54 -12.74 0.06 -2.73
CA SER A 54 -11.95 1.09 -3.40
C SER A 54 -11.89 2.33 -2.51
N THR A 55 -11.37 3.43 -3.07
CA THR A 55 -11.38 4.72 -2.38
C THR A 55 -12.78 5.32 -2.42
N PRO A 56 -13.05 6.32 -1.56
CA PRO A 56 -14.37 7.00 -1.66
C PRO A 56 -14.61 7.63 -3.02
N SER A 57 -13.60 8.26 -3.61
CA SER A 57 -13.82 8.93 -4.88
C SER A 57 -14.10 7.92 -5.98
N HIS A 58 -13.39 6.81 -5.99
CA HIS A 58 -13.54 5.84 -7.07
C HIS A 58 -14.81 5.01 -6.89
N VAL A 59 -15.26 4.79 -5.66
CA VAL A 59 -16.57 4.16 -5.46
C VAL A 59 -17.67 5.08 -5.93
N ARG A 60 -17.58 6.36 -5.56
CA ARG A 60 -18.48 7.36 -6.13
C ARG A 60 -18.49 7.30 -7.66
N GLN A 61 -17.30 7.31 -8.26
CA GLN A 61 -17.21 7.26 -9.71
C GLN A 61 -17.84 5.98 -10.25
N ALA A 62 -17.51 4.83 -9.65
CA ALA A 62 -18.00 3.55 -10.17
C ALA A 62 -19.51 3.45 -10.08
N LYS A 63 -20.10 3.88 -8.95
CA LYS A 63 -21.55 3.86 -8.79
C LYS A 63 -22.24 4.83 -9.74
N SER A 64 -21.69 6.04 -9.89
CA SER A 64 -22.33 7.07 -10.70
C SER A 64 -22.40 6.66 -12.17
N ARG A 65 -21.36 5.98 -12.66
CA ARG A 65 -21.29 5.64 -14.07
C ARG A 65 -21.76 4.22 -14.37
N LEU A 66 -22.08 3.43 -13.35
CA LEU A 66 -22.60 2.07 -13.54
C LEU A 66 -23.88 2.10 -14.38
N GLN A 67 -23.98 1.17 -15.32
CA GLN A 67 -25.18 1.03 -16.13
C GLN A 67 -25.58 -0.43 -16.20
N ASN A 68 -26.89 -0.65 -16.32
CA ASN A 68 -27.47 -1.97 -16.56
C ASN A 68 -27.20 -2.93 -15.41
N TRP A 69 -27.12 -2.40 -14.19
CA TRP A 69 -27.16 -3.23 -12.99
C TRP A 69 -27.73 -2.36 -11.87
N ASN A 70 -28.90 -2.75 -11.37
CA ASN A 70 -29.47 -2.09 -10.21
C ASN A 70 -28.71 -2.48 -8.96
N ILE A 71 -27.74 -1.66 -8.60
CA ILE A 71 -26.88 -1.97 -7.47
C ILE A 71 -27.66 -1.86 -6.17
N ASN A 72 -28.68 -1.00 -6.11
CA ASN A 72 -29.41 -0.88 -4.88
C ASN A 72 -30.18 -2.15 -4.56
N SER A 73 -30.42 -3.02 -5.55
CA SER A 73 -31.06 -4.31 -5.26
C SER A 73 -30.10 -5.48 -5.26
N ALA A 74 -28.80 -5.27 -5.43
CA ALA A 74 -27.83 -6.35 -5.30
C ALA A 74 -27.78 -6.86 -3.87
N THR A 75 -27.88 -8.18 -3.69
CA THR A 75 -28.20 -8.68 -2.36
C THR A 75 -27.00 -8.81 -1.43
N ASN A 76 -26.17 -9.81 -1.57
CA ASN A 76 -25.11 -9.96 -0.57
C ASN A 76 -23.88 -9.17 -1.00
N PHE A 77 -24.02 -7.85 -1.10
CA PHE A 77 -23.05 -7.01 -1.78
C PHE A 77 -22.69 -5.82 -0.88
N HIS A 78 -21.43 -5.78 -0.44
CA HIS A 78 -20.96 -4.84 0.57
C HIS A 78 -19.86 -3.97 -0.01
N ILE A 79 -20.01 -2.67 0.12
CA ILE A 79 -19.02 -1.73 -0.38
C ILE A 79 -18.19 -1.21 0.77
N HIS A 80 -16.87 -1.16 0.58
CA HIS A 80 -15.93 -0.57 1.52
C HIS A 80 -15.20 0.57 0.83
N GLU A 81 -15.30 1.76 1.41
CA GLU A 81 -14.59 2.94 0.91
C GLU A 81 -13.42 3.25 1.85
N TYR A 82 -12.20 3.12 1.34
CA TYR A 82 -11.00 3.32 2.16
C TYR A 82 -10.25 4.53 1.64
N PRO A 83 -10.17 5.64 2.38
CA PRO A 83 -9.38 6.78 1.94
C PRO A 83 -7.91 6.43 1.78
N ILE A 84 -7.29 7.07 0.80
CA ILE A 84 -5.85 6.93 0.57
C ILE A 84 -5.24 8.32 0.60
N PRO A 85 -3.91 8.42 0.77
CA PRO A 85 -3.27 9.74 0.80
C PRO A 85 -3.54 10.54 -0.47
N SER A 86 -3.49 11.87 -0.33
CA SER A 86 -3.69 12.76 -1.45
C SER A 86 -2.67 12.52 -2.55
N PHE A 87 -3.06 12.85 -3.78
CA PHE A 87 -2.14 12.71 -4.90
C PHE A 87 -2.46 13.77 -5.94
N GLU A 88 -1.51 13.97 -6.84
CA GLU A 88 -1.64 14.88 -7.97
C GLU A 88 -2.67 14.37 -8.97
N ALA A 89 -3.78 15.06 -9.11
CA ALA A 89 -4.74 14.77 -10.18
C ALA A 89 -4.45 15.65 -11.39
N LEU A 90 -3.36 15.31 -12.06
CA LEU A 90 -2.91 16.04 -13.24
C LEU A 90 -3.92 15.89 -14.39
N PRO A 91 -4.10 16.92 -15.20
CA PRO A 91 -4.94 16.79 -16.40
C PRO A 91 -4.20 16.00 -17.48
N PRO A 92 -4.91 15.38 -18.41
CA PRO A 92 -4.23 14.65 -19.48
C PRO A 92 -3.40 15.56 -20.37
N ASN A 93 -2.36 14.98 -20.94
CA ASN A 93 -1.47 15.69 -21.85
C ASN A 93 -1.61 15.10 -23.25
N PRO A 94 -2.32 15.75 -24.16
CA PRO A 94 -2.52 15.17 -25.50
C PRO A 94 -1.23 14.96 -26.26
N ASN A 95 -0.16 15.64 -25.88
CA ASN A 95 1.08 15.57 -26.63
C ASN A 95 2.02 14.47 -26.14
N ASP A 96 1.63 13.69 -25.14
CA ASP A 96 2.37 12.50 -24.74
C ASP A 96 2.64 11.63 -25.96
N PRO A 97 3.89 11.43 -26.37
CA PRO A 97 4.16 10.64 -27.57
C PRO A 97 3.59 9.22 -27.51
N THR A 98 3.50 8.62 -26.33
CA THR A 98 2.97 7.26 -26.21
C THR A 98 1.45 7.18 -26.31
N LYS A 99 0.73 8.30 -26.15
CA LYS A 99 -0.73 8.37 -26.06
C LYS A 99 -1.29 7.64 -24.84
N PHE A 100 -0.42 7.10 -23.97
CA PHE A 100 -0.81 6.44 -22.74
C PHE A 100 -1.20 7.47 -21.68
N PRO A 101 -2.15 7.16 -20.80
CA PRO A 101 -2.53 8.16 -19.77
C PRO A 101 -1.49 8.30 -18.67
N THR A 102 -0.30 8.82 -19.02
CA THR A 102 0.79 8.96 -18.06
C THR A 102 0.44 9.86 -16.89
N HIS A 103 -0.59 10.72 -17.04
CA HIS A 103 -1.02 11.59 -15.96
C HIS A 103 -1.60 10.83 -14.78
N LEU A 104 -1.91 9.53 -14.95
CA LEU A 104 -2.39 8.69 -13.85
C LEU A 104 -1.28 8.18 -12.93
N LEU A 105 -0.01 8.40 -13.26
CA LEU A 105 1.05 7.83 -12.41
C LEU A 105 0.95 8.20 -10.94
N PRO A 106 0.57 9.43 -10.54
CA PRO A 106 0.41 9.68 -9.10
C PRO A 106 -0.65 8.80 -8.45
N LEU A 107 -1.70 8.44 -9.20
CA LEU A 107 -2.72 7.53 -8.66
C LEU A 107 -2.21 6.11 -8.56
N PHE A 108 -1.48 5.63 -9.57
CA PHE A 108 -0.79 4.34 -9.40
C PHE A 108 -0.01 4.31 -8.08
N HIS A 109 0.79 5.35 -7.82
CA HIS A 109 1.52 5.40 -6.56
C HIS A 109 0.59 5.41 -5.36
N ALA A 110 -0.41 6.31 -5.36
CA ALA A 110 -1.25 6.47 -4.19
C ALA A 110 -2.05 5.20 -3.91
N SER A 111 -2.47 4.50 -4.97
CA SER A 111 -3.33 3.34 -4.80
C SER A 111 -2.65 2.23 -4.02
N ARG A 112 -1.32 2.20 -3.99
CA ARG A 112 -0.65 1.14 -3.23
C ARG A 112 -0.93 1.23 -1.73
N HIS A 113 -1.45 2.37 -1.25
CA HIS A 113 -1.77 2.50 0.16
C HIS A 113 -3.12 1.92 0.54
N LEU A 114 -3.83 1.31 -0.41
CA LEU A 114 -4.93 0.43 -0.05
C LEU A 114 -4.44 -0.84 0.62
N CYS A 115 -3.14 -1.11 0.57
CA CYS A 115 -2.61 -2.32 1.21
C CYS A 115 -3.00 -2.40 2.68
N GLU A 116 -2.84 -1.29 3.43
CA GLU A 116 -3.10 -1.33 4.87
C GLU A 116 -4.54 -1.67 5.21
N PRO A 117 -5.56 -0.94 4.72
CA PRO A 117 -6.93 -1.31 5.12
C PRO A 117 -7.36 -2.64 4.52
N VAL A 118 -6.90 -2.98 3.31
CA VAL A 118 -7.26 -4.26 2.71
C VAL A 118 -6.63 -5.41 3.49
N THR A 119 -5.39 -5.24 3.92
CA THR A 119 -4.79 -6.27 4.78
C THR A 119 -5.60 -6.47 6.06
N ALA A 120 -6.08 -5.38 6.67
CA ALA A 120 -6.89 -5.51 7.87
C ALA A 120 -8.21 -6.23 7.55
N LEU A 121 -8.81 -5.90 6.41
CA LEU A 121 -10.10 -6.51 6.06
C LEU A 121 -9.96 -8.00 5.81
N LEU A 122 -8.89 -8.42 5.12
CA LEU A 122 -8.69 -9.83 4.83
C LEU A 122 -8.50 -10.64 6.11
N HIS A 123 -7.76 -10.08 7.07
CA HIS A 123 -7.62 -10.75 8.35
C HIS A 123 -8.97 -10.84 9.06
N SER A 124 -9.72 -9.75 9.03
CA SER A 124 -11.04 -9.73 9.67
C SER A 124 -11.98 -10.76 9.05
N LEU A 125 -12.03 -10.83 7.71
CA LEU A 125 -12.92 -11.78 7.06
C LEU A 125 -12.44 -13.22 7.25
N ALA A 126 -11.14 -13.45 7.22
CA ALA A 126 -10.63 -14.82 7.32
C ALA A 126 -10.92 -15.42 8.69
N ALA A 127 -11.17 -14.59 9.70
CA ALA A 127 -11.49 -15.11 11.03
C ALA A 127 -12.79 -15.88 11.05
N THR A 128 -13.77 -15.50 10.21
CA THR A 128 -15.09 -16.11 10.27
C THR A 128 -15.47 -16.92 9.04
N ALA A 129 -14.73 -16.82 7.95
CA ALA A 129 -15.12 -17.50 6.72
C ALA A 129 -14.34 -18.79 6.56
N HIS A 130 -14.99 -19.80 5.99
CA HIS A 130 -14.26 -21.00 5.58
C HIS A 130 -13.15 -20.62 4.60
N ARG A 131 -13.46 -19.73 3.65
CA ARG A 131 -12.50 -19.29 2.64
C ARG A 131 -12.79 -17.86 2.24
N VAL A 132 -11.74 -17.06 2.11
CA VAL A 132 -11.83 -15.69 1.62
C VAL A 132 -11.20 -15.68 0.22
N VAL A 133 -11.99 -15.37 -0.80
CA VAL A 133 -11.55 -15.46 -2.18
C VAL A 133 -11.33 -14.03 -2.66
N VAL A 134 -10.10 -13.69 -3.02
CA VAL A 134 -9.74 -12.31 -3.35
C VAL A 134 -9.57 -12.23 -4.86
N ILE A 135 -10.45 -11.50 -5.54
CA ILE A 135 -10.38 -11.26 -6.98
C ILE A 135 -9.91 -9.84 -7.19
N HIS A 136 -8.76 -9.68 -7.80
CA HIS A 136 -8.12 -8.38 -7.84
C HIS A 136 -7.52 -8.16 -9.22
N ASP A 137 -7.51 -6.91 -9.64
CA ASP A 137 -6.73 -6.52 -10.81
C ASP A 137 -5.27 -6.88 -10.64
N VAL A 138 -4.67 -7.42 -11.70
CA VAL A 138 -3.24 -7.72 -11.63
C VAL A 138 -2.45 -6.46 -11.25
N LEU A 139 -2.92 -5.29 -11.67
CA LEU A 139 -2.16 -4.08 -11.41
C LEU A 139 -2.15 -3.67 -9.95
N ILE A 140 -2.99 -4.29 -9.13
CA ILE A 140 -3.08 -3.93 -7.72
C ILE A 140 -2.70 -5.12 -6.84
N SER A 141 -1.94 -6.06 -7.41
CA SER A 141 -1.56 -7.28 -6.71
C SER A 141 -0.85 -6.98 -5.38
N SER A 142 -0.04 -5.93 -5.34
CA SER A 142 0.67 -5.60 -4.11
C SER A 142 -0.27 -5.26 -2.95
N VAL A 143 -1.48 -4.79 -3.26
CA VAL A 143 -2.42 -4.41 -2.21
C VAL A 143 -2.98 -5.63 -1.49
N VAL A 144 -3.04 -6.79 -2.16
CA VAL A 144 -3.68 -7.97 -1.61
C VAL A 144 -2.69 -9.06 -1.25
N GLN A 145 -1.38 -8.76 -1.24
CA GLN A 145 -0.39 -9.81 -1.13
C GLN A 145 -0.42 -10.52 0.22
N GLU A 146 -1.07 -9.95 1.24
CA GLU A 146 -1.23 -10.64 2.52
C GLU A 146 -1.94 -11.99 2.39
N VAL A 147 -2.63 -12.23 1.27
CA VAL A 147 -3.27 -13.51 1.02
C VAL A 147 -2.26 -14.66 1.17
N LYS A 148 -1.00 -14.45 0.82
CA LYS A 148 -0.10 -15.59 0.94
C LYS A 148 0.26 -15.88 2.39
N ASN A 149 -0.17 -15.04 3.32
CA ASN A 149 0.07 -15.25 4.74
C ASN A 149 -1.15 -15.76 5.45
N ILE A 150 -2.28 -15.90 4.77
CA ILE A 150 -3.53 -16.32 5.39
C ILE A 150 -3.89 -17.69 4.81
N PRO A 151 -3.96 -18.73 5.64
CA PRO A 151 -4.16 -20.09 5.10
C PRO A 151 -5.50 -20.27 4.41
N ASN A 152 -6.56 -19.62 4.87
CA ASN A 152 -7.86 -19.82 4.27
C ASN A 152 -8.23 -18.68 3.32
N ALA A 153 -7.24 -17.97 2.78
CA ALA A 153 -7.47 -16.94 1.79
C ALA A 153 -6.72 -17.28 0.52
N GLU A 154 -7.36 -17.08 -0.64
CA GLU A 154 -6.70 -17.33 -1.91
C GLU A 154 -7.07 -16.22 -2.89
N ALA A 155 -6.21 -16.04 -3.89
CA ALA A 155 -6.28 -14.91 -4.81
C ALA A 155 -6.46 -15.39 -6.25
N TYR A 156 -7.37 -14.74 -6.95
CA TYR A 156 -7.53 -14.91 -8.39
C TYR A 156 -7.28 -13.55 -9.03
N ALA A 157 -6.25 -13.47 -9.87
CA ALA A 157 -5.88 -12.21 -10.48
C ALA A 157 -6.70 -12.00 -11.74
N LEU A 158 -7.28 -10.81 -11.89
CA LEU A 158 -8.05 -10.48 -13.07
C LEU A 158 -7.14 -9.87 -14.12
N GLN A 159 -7.10 -10.52 -15.27
CA GLN A 159 -6.36 -10.04 -16.41
C GLN A 159 -7.39 -9.31 -17.29
N SER A 160 -7.20 -8.01 -17.50
CA SER A 160 -8.29 -7.16 -17.98
C SER A 160 -8.40 -6.98 -19.50
N VAL A 161 -7.46 -7.50 -20.31
CA VAL A 161 -7.49 -7.17 -21.73
C VAL A 161 -7.70 -8.46 -22.51
N SER A 162 -7.61 -8.43 -23.84
CA SER A 162 -7.94 -9.64 -24.58
C SER A 162 -6.91 -10.71 -24.24
N VAL A 163 -7.35 -11.97 -24.25
CA VAL A 163 -6.39 -13.05 -24.07
C VAL A 163 -5.43 -13.11 -25.23
N PHE A 164 -5.89 -12.71 -26.43
CA PHE A 164 -4.97 -12.63 -27.56
C PHE A 164 -3.79 -11.72 -27.23
N ASN A 165 -4.06 -10.53 -26.70
CA ASN A 165 -2.97 -9.63 -26.35
C ASN A 165 -2.12 -10.24 -25.25
N HIS A 166 -2.78 -10.72 -24.19
CA HIS A 166 -2.07 -11.26 -23.03
C HIS A 166 -1.25 -12.49 -23.42
N PHE A 167 -1.86 -13.39 -24.18
CA PHE A 167 -1.11 -14.59 -24.57
C PHE A 167 0.00 -14.25 -25.56
N ALA A 168 -0.26 -13.37 -26.53
CA ALA A 168 0.79 -13.08 -27.51
C ALA A 168 2.00 -12.45 -26.83
N THR A 169 1.78 -11.63 -25.81
CA THR A 169 2.90 -11.05 -25.08
C THR A 169 3.68 -12.11 -24.32
N ILE A 170 2.97 -13.04 -23.66
CA ILE A 170 3.67 -14.12 -22.96
C ILE A 170 4.44 -14.97 -23.97
N TRP A 171 3.80 -15.29 -25.09
CA TRP A 171 4.43 -16.12 -26.12
C TRP A 171 5.70 -15.48 -26.66
N GLU A 172 5.69 -14.16 -26.89
CA GLU A 172 6.92 -13.47 -27.27
C GLU A 172 7.97 -13.49 -26.16
N MET A 173 7.56 -13.30 -24.89
CA MET A 173 8.53 -13.35 -23.80
C MET A 173 9.19 -14.72 -23.68
N MET A 174 8.52 -15.78 -24.11
CA MET A 174 9.10 -17.11 -24.04
C MET A 174 9.91 -17.47 -25.28
N GLY A 175 10.21 -16.51 -26.14
CA GLY A 175 10.97 -16.82 -27.34
C GLY A 175 10.17 -17.37 -28.50
N LYS A 176 8.84 -17.17 -28.50
CA LYS A 176 8.01 -17.60 -29.63
C LYS A 176 8.09 -19.09 -29.92
N PRO A 177 7.69 -19.96 -29.00
CA PRO A 177 7.73 -21.39 -29.28
C PRO A 177 6.74 -21.76 -30.38
N SER A 178 7.16 -22.70 -31.22
CA SER A 178 6.32 -23.22 -32.29
C SER A 178 5.37 -24.31 -31.81
N SER A 179 5.42 -24.65 -30.52
CA SER A 179 4.52 -25.64 -29.95
C SER A 179 3.05 -25.23 -30.06
N VAL A 180 2.75 -23.93 -30.17
CA VAL A 180 1.41 -23.46 -30.47
C VAL A 180 1.44 -22.96 -31.91
N GLU A 181 0.47 -23.38 -32.71
CA GLU A 181 0.37 -22.97 -34.10
C GLU A 181 -0.74 -21.94 -34.27
N ASP A 182 -0.39 -20.79 -34.84
CA ASP A 182 -1.40 -19.80 -35.19
C ASP A 182 -0.75 -18.76 -36.09
N GLU A 183 -1.24 -18.62 -37.32
CA GLU A 183 -0.60 -17.72 -38.26
C GLU A 183 -0.66 -16.27 -37.78
N ALA A 184 -1.72 -15.89 -37.06
CA ALA A 184 -1.84 -14.51 -36.58
C ALA A 184 -0.65 -14.10 -35.72
N LEU A 185 -0.08 -15.03 -34.94
CA LEU A 185 1.04 -14.68 -34.08
C LEU A 185 2.28 -14.25 -34.86
N ASN A 186 2.33 -14.52 -36.17
CA ASN A 186 3.44 -14.11 -37.02
C ASN A 186 3.31 -12.69 -37.55
N HIS A 187 2.18 -12.01 -37.29
CA HIS A 187 1.89 -10.69 -37.82
C HIS A 187 1.45 -9.71 -36.73
N LEU A 188 2.00 -9.85 -35.51
CA LEU A 188 1.60 -8.99 -34.39
C LEU A 188 2.08 -7.56 -34.61
N PRO A 189 1.27 -6.57 -34.26
CA PRO A 189 1.74 -5.17 -34.36
C PRO A 189 2.81 -4.89 -33.32
N SER A 190 3.71 -3.98 -33.64
CA SER A 190 4.77 -3.65 -32.70
C SER A 190 4.19 -2.99 -31.45
N GLN A 191 4.72 -3.39 -30.27
CA GLN A 191 4.42 -2.81 -28.96
C GLN A 191 5.22 -1.53 -28.69
N GLU A 192 6.14 -1.16 -29.60
CA GLU A 192 7.12 -0.12 -29.29
C GLU A 192 6.44 1.22 -29.05
N GLY A 193 6.76 1.83 -27.92
CA GLY A 193 6.17 3.11 -27.56
C GLY A 193 4.70 3.06 -27.19
N CYS A 194 4.15 1.87 -26.95
CA CYS A 194 2.74 1.76 -26.57
C CYS A 194 2.51 2.16 -25.13
N VAL A 195 3.52 2.03 -24.28
CA VAL A 195 3.40 2.42 -22.87
C VAL A 195 4.71 3.00 -22.40
N PRO A 196 4.64 3.98 -21.51
CA PRO A 196 5.87 4.56 -20.96
C PRO A 196 6.60 3.56 -20.08
N MET A 197 7.89 3.84 -19.89
CA MET A 197 8.76 2.86 -19.27
C MET A 197 8.35 2.63 -17.82
N GLU A 198 7.86 3.68 -17.15
CA GLU A 198 7.38 3.54 -15.78
C GLU A 198 6.28 2.49 -15.70
N PHE A 199 5.34 2.50 -16.65
CA PHE A 199 4.24 1.53 -16.59
C PHE A 199 4.73 0.11 -16.89
N ILE A 200 5.69 -0.04 -17.82
CA ILE A 200 6.39 -1.33 -17.95
C ILE A 200 6.82 -1.87 -16.59
N GLU A 201 7.62 -1.08 -15.86
CA GLU A 201 8.13 -1.54 -14.57
C GLU A 201 6.98 -1.91 -13.63
N ILE A 202 5.93 -1.08 -13.58
CA ILE A 202 4.81 -1.36 -12.68
C ILE A 202 4.13 -2.65 -13.08
N LEU A 203 3.86 -2.82 -14.38
CA LEU A 203 3.19 -4.04 -14.85
C LEU A 203 4.01 -5.28 -14.53
N MET A 204 5.31 -5.25 -14.84
CA MET A 204 6.16 -6.41 -14.56
C MET A 204 6.19 -6.72 -13.08
N SER A 205 6.39 -5.70 -12.25
CA SER A 205 6.43 -5.86 -10.80
C SER A 205 5.13 -6.45 -10.27
N GLN A 206 4.00 -5.88 -10.67
CA GLN A 206 2.73 -6.39 -10.17
C GLN A 206 2.41 -7.77 -10.73
N SER A 207 2.72 -8.01 -12.00
CA SER A 207 2.48 -9.33 -12.58
C SER A 207 3.32 -10.42 -11.91
N HIS A 208 4.59 -10.11 -11.64
CA HIS A 208 5.45 -11.09 -10.98
C HIS A 208 4.94 -11.41 -9.59
N LEU A 209 4.47 -10.39 -8.88
CA LEU A 209 3.83 -10.59 -7.59
C LEU A 209 2.63 -11.51 -7.71
N ALA A 210 1.73 -11.23 -8.67
CA ALA A 210 0.56 -12.08 -8.84
C ALA A 210 0.95 -13.51 -9.17
N ASN A 211 2.00 -13.68 -9.97
CA ASN A 211 2.46 -15.03 -10.29
C ASN A 211 2.91 -15.79 -9.05
N GLN A 212 3.40 -15.08 -8.03
CA GLN A 212 3.90 -15.76 -6.84
C GLN A 212 2.77 -16.33 -5.97
N PHE A 213 1.62 -15.66 -5.90
CA PHE A 213 0.59 -16.12 -4.97
C PHE A 213 -0.80 -16.37 -5.55
N ALA A 214 -1.05 -16.06 -6.83
CA ALA A 214 -2.37 -16.35 -7.40
C ALA A 214 -2.63 -17.85 -7.48
N THR A 215 -3.87 -18.25 -7.14
CA THR A 215 -4.35 -19.61 -7.41
C THR A 215 -4.84 -19.76 -8.84
N GLY A 216 -5.40 -18.70 -9.41
CA GLY A 216 -5.89 -18.72 -10.77
C GLY A 216 -5.88 -17.31 -11.33
N PHE A 217 -6.10 -17.22 -12.63
CA PHE A 217 -6.30 -15.95 -13.32
C PHE A 217 -7.69 -15.98 -13.93
N ILE A 218 -8.40 -14.86 -13.87
CA ILE A 218 -9.70 -14.71 -14.50
C ILE A 218 -9.53 -13.76 -15.67
N HIS A 219 -10.12 -14.11 -16.81
CA HIS A 219 -10.06 -13.30 -18.02
C HIS A 219 -11.47 -12.84 -18.38
N ASN A 220 -11.61 -11.55 -18.69
CA ASN A 220 -12.90 -11.02 -19.12
C ASN A 220 -13.00 -11.27 -20.62
N THR A 221 -13.26 -12.53 -20.97
CA THR A 221 -13.44 -12.89 -22.37
C THR A 221 -14.27 -14.15 -22.40
N SER A 222 -14.84 -14.43 -23.57
CA SER A 222 -15.60 -15.64 -23.80
C SER A 222 -14.81 -16.55 -24.74
N LYS A 223 -14.87 -17.85 -24.49
CA LYS A 223 -14.24 -18.79 -25.41
C LYS A 223 -14.88 -18.76 -26.80
N ALA A 224 -16.08 -18.21 -26.91
CA ALA A 224 -16.68 -18.03 -28.24
C ALA A 224 -15.94 -16.97 -29.04
N ILE A 225 -15.26 -16.05 -28.37
CA ILE A 225 -14.44 -15.02 -29.02
C ILE A 225 -13.03 -15.51 -29.25
N GLU A 226 -12.41 -16.05 -28.20
CA GLU A 226 -10.97 -16.30 -28.23
C GLU A 226 -10.61 -17.64 -27.62
N GLY A 227 -11.46 -18.66 -27.75
CA GLY A 227 -11.19 -19.92 -27.07
C GLY A 227 -9.85 -20.53 -27.46
N LYS A 228 -9.45 -20.35 -28.71
CA LYS A 228 -8.16 -20.89 -29.14
C LYS A 228 -7.02 -20.35 -28.29
N TYR A 229 -7.04 -19.04 -27.99
CA TYR A 229 -5.97 -18.44 -27.21
C TYR A 229 -6.13 -18.70 -25.72
N VAL A 230 -7.37 -18.81 -25.23
CA VAL A 230 -7.55 -19.28 -23.86
C VAL A 230 -6.95 -20.69 -23.71
N ASP A 231 -7.22 -21.57 -24.66
CA ASP A 231 -6.65 -22.93 -24.59
C ASP A 231 -5.12 -22.91 -24.62
N PHE A 232 -4.51 -22.09 -25.49
CA PHE A 232 -3.04 -21.98 -25.50
C PHE A 232 -2.51 -21.52 -24.14
N LEU A 233 -3.10 -20.43 -23.60
CA LEU A 233 -2.60 -19.87 -22.34
C LEU A 233 -2.70 -20.86 -21.19
N ASP A 234 -3.76 -21.67 -21.16
CA ASP A 234 -3.94 -22.62 -20.06
C ASP A 234 -2.93 -23.77 -20.11
N LYS A 235 -2.23 -23.96 -21.21
CA LYS A 235 -1.21 -25.01 -21.25
C LYS A 235 -0.13 -24.71 -20.23
N GLU A 236 0.40 -25.76 -19.61
CA GLU A 236 1.38 -25.59 -18.54
C GLU A 236 2.62 -24.87 -19.03
N GLU A 237 2.97 -25.05 -20.31
CA GLU A 237 4.10 -24.33 -20.89
C GLU A 237 4.01 -22.83 -20.63
N PHE A 238 2.80 -22.26 -20.62
CA PHE A 238 2.62 -20.82 -20.57
C PHE A 238 2.07 -20.27 -19.26
N SER A 239 1.33 -21.07 -18.51
CA SER A 239 0.78 -20.60 -17.24
C SER A 239 1.10 -21.54 -16.08
N GLY A 240 1.85 -22.61 -16.35
CA GLY A 240 2.20 -23.67 -15.41
C GLY A 240 1.48 -23.71 -14.09
N ASN A 241 0.47 -24.55 -13.95
CA ASN A 241 -0.24 -24.79 -12.68
C ASN A 241 -1.13 -23.65 -12.20
N ILE A 242 -1.12 -22.48 -12.83
CA ILE A 242 -2.11 -21.47 -12.48
C ILE A 242 -3.29 -21.62 -13.45
N LYS A 243 -4.46 -21.93 -12.91
CA LYS A 243 -5.61 -22.14 -13.76
C LYS A 243 -6.09 -20.83 -14.36
N GLN A 244 -6.59 -20.88 -15.60
CA GLN A 244 -7.13 -19.73 -16.31
C GLN A 244 -8.63 -19.90 -16.51
N TRP A 245 -9.40 -18.87 -16.19
CA TRP A 245 -10.85 -18.91 -16.33
C TRP A 245 -11.30 -17.83 -17.30
N ALA A 246 -12.10 -18.20 -18.30
CA ALA A 246 -12.64 -17.22 -19.23
C ALA A 246 -14.09 -17.00 -18.86
N LEU A 247 -14.35 -15.92 -18.10
CA LEU A 247 -15.65 -15.70 -17.47
C LEU A 247 -16.42 -14.55 -18.08
N GLY A 248 -16.02 -14.07 -19.25
CA GLY A 248 -16.67 -12.93 -19.86
C GLY A 248 -17.57 -13.30 -21.02
N PRO A 249 -18.20 -12.28 -21.63
CA PRO A 249 -18.06 -10.85 -21.29
C PRO A 249 -18.70 -10.48 -19.96
N PHE A 250 -18.11 -9.54 -19.21
CA PHE A 250 -18.76 -9.10 -17.98
C PHE A 250 -19.90 -8.13 -18.25
N ASN A 251 -19.87 -7.43 -19.38
CA ASN A 251 -20.98 -6.56 -19.72
C ASN A 251 -22.23 -7.42 -19.93
N PRO A 252 -23.41 -6.89 -19.63
CA PRO A 252 -24.63 -7.64 -19.91
C PRO A 252 -24.79 -7.93 -21.39
N VAL A 253 -25.55 -8.98 -21.68
CA VAL A 253 -25.76 -9.37 -23.07
C VAL A 253 -27.12 -8.92 -23.57
N SER A 254 -27.84 -8.13 -22.79
CA SER A 254 -29.06 -7.52 -23.27
C SER A 254 -29.32 -6.35 -22.34
N VAL A 255 -29.97 -5.32 -22.85
CA VAL A 255 -30.23 -4.10 -22.10
C VAL A 255 -31.73 -3.89 -22.06
N SER A 256 -32.25 -3.71 -20.85
CA SER A 256 -33.63 -3.28 -20.64
C SER A 256 -33.75 -1.77 -20.83
N ARG A 262 -35.85 8.96 -21.54
CA ARG A 262 -34.93 8.39 -22.54
C ARG A 262 -33.73 9.30 -22.79
N HIS A 263 -32.54 8.71 -22.84
CA HIS A 263 -31.33 9.48 -23.00
C HIS A 263 -31.35 10.22 -24.33
N LYS A 264 -30.73 11.42 -24.34
CA LYS A 264 -30.74 12.26 -25.54
C LYS A 264 -30.11 11.53 -26.73
N CYS A 265 -29.07 10.72 -26.48
CA CYS A 265 -28.44 9.97 -27.56
C CYS A 265 -29.42 8.94 -28.11
N LEU A 266 -30.20 8.31 -27.23
CA LEU A 266 -31.16 7.30 -27.69
C LEU A 266 -32.34 7.93 -28.40
N ASN A 267 -32.79 9.10 -27.93
CA ASN A 267 -33.81 9.83 -28.68
C ASN A 267 -33.36 10.12 -30.09
N PHE A 268 -32.09 10.50 -30.26
CA PHE A 268 -31.54 10.73 -31.60
C PHE A 268 -31.57 9.45 -32.44
N LEU A 269 -31.12 8.33 -31.86
CA LEU A 269 -31.12 7.06 -32.60
C LEU A 269 -32.52 6.65 -33.00
N ASP A 270 -33.51 6.96 -32.17
CA ASP A 270 -34.90 6.60 -32.48
C ASP A 270 -35.35 7.25 -33.78
N LYS A 271 -34.76 8.38 -34.14
CA LYS A 271 -35.13 9.10 -35.36
C LYS A 271 -34.46 8.59 -36.61
N GLN A 272 -33.56 7.63 -36.50
CA GLN A 272 -32.76 7.23 -37.65
C GLN A 272 -33.21 5.88 -38.19
N SER A 273 -32.80 5.61 -39.42
CA SER A 273 -33.00 4.33 -40.08
C SER A 273 -32.13 3.24 -39.45
N PRO A 274 -32.49 1.97 -39.64
CA PRO A 274 -31.71 0.88 -39.05
C PRO A 274 -30.27 0.85 -39.52
N ARG A 275 -29.36 0.60 -38.58
CA ARG A 275 -27.92 0.43 -38.86
C ARG A 275 -27.31 1.59 -39.64
N SER A 276 -27.83 2.79 -39.44
CA SER A 276 -27.39 3.96 -40.20
C SER A 276 -26.46 4.91 -39.43
N VAL A 277 -26.24 4.72 -38.13
CA VAL A 277 -25.53 5.69 -37.30
C VAL A 277 -24.17 5.13 -36.88
N MET A 278 -23.12 5.92 -37.10
CA MET A 278 -21.80 5.59 -36.58
C MET A 278 -21.65 6.16 -35.16
N TYR A 279 -21.37 5.29 -34.19
CA TYR A 279 -21.10 5.71 -32.83
C TYR A 279 -19.59 5.85 -32.68
N VAL A 280 -19.14 6.98 -32.13
CA VAL A 280 -17.71 7.35 -32.09
C VAL A 280 -17.35 7.66 -30.65
N SER A 281 -16.45 6.85 -30.05
CA SER A 281 -16.14 7.05 -28.64
C SER A 281 -14.82 6.36 -28.33
N PHE A 282 -14.01 6.98 -27.48
CA PHE A 282 -12.64 6.54 -27.26
C PHE A 282 -12.36 6.28 -25.78
N GLY A 283 -13.36 5.75 -25.07
CA GLY A 283 -13.12 5.32 -23.70
C GLY A 283 -12.77 6.47 -22.77
N THR A 284 -11.90 6.18 -21.82
CA THR A 284 -11.54 7.15 -20.80
C THR A 284 -10.05 7.43 -20.73
N THR A 285 -9.24 6.79 -21.57
CA THR A 285 -7.79 6.91 -21.46
C THR A 285 -7.16 7.59 -22.66
N ILE A 286 -7.95 8.20 -23.55
CA ILE A 286 -7.45 8.77 -24.79
C ILE A 286 -7.56 10.28 -24.71
N SER A 287 -6.48 10.98 -25.07
CA SER A 287 -6.48 12.44 -25.13
C SER A 287 -5.97 12.86 -26.50
N PHE A 288 -6.80 13.53 -27.29
CA PHE A 288 -6.48 13.98 -28.64
C PHE A 288 -5.94 15.42 -28.62
N THR A 289 -5.04 15.71 -29.55
CA THR A 289 -4.66 17.10 -29.75
C THR A 289 -5.81 17.85 -30.41
N ASP A 290 -5.85 19.17 -30.20
CA ASP A 290 -6.84 20.01 -30.87
C ASP A 290 -6.83 19.78 -32.38
N GLU A 291 -5.64 19.56 -32.96
CA GLU A 291 -5.54 19.30 -34.39
C GLU A 291 -6.21 17.98 -34.77
N GLN A 292 -5.99 16.93 -33.99
CA GLN A 292 -6.62 15.66 -34.34
C GLN A 292 -8.13 15.73 -34.15
N ILE A 293 -8.60 16.52 -33.19
CA ILE A 293 -10.04 16.70 -33.02
C ILE A 293 -10.64 17.37 -34.25
N HIS A 294 -9.93 18.36 -34.80
CA HIS A 294 -10.42 19.03 -36.00
C HIS A 294 -10.49 18.07 -37.19
N GLU A 295 -9.48 17.22 -37.37
CA GLU A 295 -9.53 16.25 -38.47
C GLU A 295 -10.68 15.26 -38.28
N LEU A 296 -10.95 14.88 -37.03
CA LEU A 296 -12.05 13.97 -36.75
C LEU A 296 -13.39 14.61 -37.06
N ALA A 297 -13.58 15.84 -36.59
CA ALA A 297 -14.79 16.59 -36.93
C ALA A 297 -15.02 16.62 -38.44
N LEU A 298 -14.00 17.03 -39.20
CA LEU A 298 -14.17 17.17 -40.64
C LEU A 298 -14.37 15.81 -41.31
N GLY A 299 -13.70 14.77 -40.80
CA GLY A 299 -13.87 13.44 -41.38
C GLY A 299 -15.28 12.91 -41.25
N LEU A 300 -15.89 13.10 -40.07
CA LEU A 300 -17.28 12.67 -39.86
C LEU A 300 -18.22 13.41 -40.79
N GLU A 301 -18.01 14.71 -40.98
CA GLU A 301 -18.81 15.46 -41.93
C GLU A 301 -18.58 14.94 -43.34
N LYS A 302 -17.31 14.72 -43.73
CA LYS A 302 -17.06 14.23 -45.08
C LYS A 302 -17.61 12.84 -45.31
N SER A 303 -17.81 12.04 -44.25
CA SER A 303 -18.37 10.71 -44.42
C SER A 303 -19.80 10.77 -44.96
N GLU A 304 -20.49 11.87 -44.70
CA GLU A 304 -21.91 12.06 -45.00
C GLU A 304 -22.82 11.06 -44.26
N GLN A 305 -22.31 10.34 -43.26
CA GLN A 305 -23.17 9.44 -42.49
C GLN A 305 -23.71 10.13 -41.24
N HIS A 306 -24.77 9.56 -40.68
CA HIS A 306 -25.23 9.98 -39.37
C HIS A 306 -24.28 9.46 -38.31
N PHE A 307 -24.11 10.21 -37.23
CA PHE A 307 -23.16 9.80 -36.20
C PHE A 307 -23.52 10.38 -34.84
N ILE A 308 -23.05 9.69 -33.80
CA ILE A 308 -22.98 10.20 -32.44
C ILE A 308 -21.51 10.25 -32.06
N TRP A 309 -21.03 11.41 -31.66
CA TRP A 309 -19.63 11.60 -31.33
C TRP A 309 -19.50 11.98 -29.87
N VAL A 310 -18.90 11.07 -29.09
CA VAL A 310 -18.58 11.31 -27.68
C VAL A 310 -17.22 12.00 -27.65
N LEU A 311 -17.23 13.30 -27.43
CA LEU A 311 -16.06 14.17 -27.45
C LEU A 311 -15.82 14.58 -26.00
N ARG A 312 -14.93 13.87 -25.31
CA ARG A 312 -14.80 14.07 -23.86
C ARG A 312 -13.37 13.81 -23.44
N GLU A 313 -12.79 14.75 -22.70
CA GLU A 313 -11.40 14.59 -22.29
C GLU A 313 -11.23 13.30 -21.48
N ALA A 314 -10.03 12.71 -21.57
CA ALA A 314 -9.72 11.53 -20.76
C ALA A 314 -9.88 11.80 -19.27
N ASP A 315 -10.17 10.73 -18.52
CA ASP A 315 -10.30 10.82 -17.08
C ASP A 315 -8.98 11.19 -16.43
N ARG A 316 -9.07 12.03 -15.39
CA ARG A 316 -8.02 12.19 -14.39
C ARG A 316 -8.08 11.05 -13.37
N GLY A 317 -7.03 10.92 -12.56
CA GLY A 317 -7.01 9.98 -11.45
C GLY A 317 -8.05 10.26 -10.38
N ASP A 318 -8.68 11.43 -10.42
CA ASP A 318 -9.84 11.78 -9.60
C ASP A 318 -10.74 12.57 -10.53
N ILE A 319 -11.85 11.96 -10.98
CA ILE A 319 -12.65 12.61 -11.99
C ILE A 319 -13.45 13.78 -11.43
N TYR A 320 -13.42 13.97 -10.11
CA TYR A 320 -14.12 15.09 -9.51
C TYR A 320 -13.18 16.25 -9.21
N ALA A 321 -11.93 16.15 -9.64
CA ALA A 321 -10.94 17.20 -9.41
C ALA A 321 -10.77 18.03 -10.67
N GLY A 322 -10.69 19.35 -10.49
CA GLY A 322 -10.28 20.19 -11.61
C GLY A 322 -11.37 20.39 -12.65
N THR A 323 -10.94 20.97 -13.76
CA THR A 323 -11.83 21.32 -14.86
C THR A 323 -11.32 20.69 -16.13
N GLU A 324 -12.20 19.97 -16.78
CA GLU A 324 -12.00 19.29 -18.05
C GLU A 324 -11.76 20.26 -19.21
N ARG A 325 -10.69 20.02 -19.95
CA ARG A 325 -10.47 20.68 -21.24
C ARG A 325 -11.66 20.49 -22.18
N THR A 327 -12.78 21.28 -25.99
CA THR A 327 -12.14 21.67 -27.26
C THR A 327 -13.15 22.30 -28.24
N GLU A 328 -12.84 23.54 -28.63
CA GLU A 328 -13.30 24.31 -29.78
C GLU A 328 -13.66 23.46 -31.00
N LEU A 329 -14.90 23.48 -31.47
CA LEU A 329 -15.12 22.84 -32.75
C LEU A 329 -14.90 23.83 -33.90
N PRO A 330 -14.56 23.36 -35.10
CA PRO A 330 -14.27 24.29 -36.21
C PRO A 330 -15.42 25.27 -36.42
N ASN A 331 -15.10 26.47 -36.90
CA ASN A 331 -16.10 27.50 -37.12
C ASN A 331 -17.23 26.99 -38.01
N GLY A 332 -18.47 27.27 -37.61
CA GLY A 332 -19.64 26.86 -38.39
C GLY A 332 -19.86 25.37 -38.49
N TYR A 333 -19.10 24.55 -37.75
CA TYR A 333 -19.20 23.11 -37.91
C TYR A 333 -20.50 22.57 -37.31
N GLU A 334 -20.81 22.95 -36.07
CA GLU A 334 -21.98 22.39 -35.40
C GLU A 334 -23.29 22.80 -36.06
N ASP A 335 -23.26 23.85 -36.90
CA ASP A 335 -24.44 24.22 -37.68
C ASP A 335 -24.58 23.35 -38.93
N ARG A 336 -23.48 23.06 -39.61
CA ARG A 336 -23.57 22.30 -40.85
C ARG A 336 -23.92 20.83 -40.64
N ILE A 337 -23.83 20.29 -39.42
CA ILE A 337 -24.03 18.86 -39.22
C ILE A 337 -25.29 18.56 -38.41
N LYS A 338 -26.17 19.55 -38.22
CA LYS A 338 -27.24 19.46 -37.21
C LYS A 338 -28.15 18.26 -37.44
N GLU A 339 -28.49 17.95 -38.69
CA GLU A 339 -29.37 16.81 -38.93
C GLU A 339 -28.61 15.50 -38.90
N LYS A 340 -27.32 15.55 -39.19
CA LYS A 340 -26.53 14.35 -39.39
C LYS A 340 -25.88 13.87 -38.10
N GLY A 341 -25.40 14.78 -37.28
CA GLY A 341 -24.52 14.42 -36.18
C GLY A 341 -25.00 14.90 -34.84
N MET A 342 -24.79 14.07 -33.84
CA MET A 342 -24.96 14.45 -32.44
C MET A 342 -23.61 14.42 -31.75
N MET A 343 -23.28 15.51 -31.09
CA MET A 343 -22.01 15.62 -30.40
C MET A 343 -22.26 15.83 -28.93
N VAL A 344 -21.66 15.00 -28.09
CA VAL A 344 -21.91 15.01 -26.66
C VAL A 344 -20.57 14.97 -25.94
N ARG A 345 -20.50 15.67 -24.80
CA ARG A 345 -19.24 15.87 -24.08
C ARG A 345 -19.28 15.25 -22.69
N ASP A 346 -20.21 14.34 -22.44
CA ASP A 346 -20.36 13.77 -21.10
C ASP A 346 -20.36 12.25 -21.19
N TRP A 347 -20.87 11.62 -20.14
CA TRP A 347 -20.87 10.16 -20.01
C TRP A 347 -22.16 9.61 -20.58
N VAL A 348 -22.06 8.67 -21.51
CA VAL A 348 -23.23 8.20 -22.25
C VAL A 348 -23.51 6.74 -21.91
N PRO A 349 -24.71 6.23 -22.20
CA PRO A 349 -24.99 4.79 -22.05
C PRO A 349 -24.52 3.99 -23.27
N GLN A 350 -23.21 3.70 -23.26
CA GLN A 350 -22.55 3.11 -24.42
C GLN A 350 -23.19 1.79 -24.83
N LEU A 351 -23.32 0.85 -23.88
CA LEU A 351 -23.86 -0.46 -24.25
C LEU A 351 -25.27 -0.34 -24.80
N GLU A 352 -26.10 0.51 -24.18
CA GLU A 352 -27.46 0.70 -24.68
C GLU A 352 -27.47 1.28 -26.09
N ILE A 353 -26.56 2.23 -26.37
CA ILE A 353 -26.44 2.77 -27.72
C ILE A 353 -26.05 1.66 -28.68
N LEU A 354 -25.08 0.82 -28.29
CA LEU A 354 -24.63 -0.23 -29.18
C LEU A 354 -25.74 -1.26 -29.44
N ALA A 355 -26.70 -1.39 -28.51
CA ALA A 355 -27.83 -2.31 -28.62
C ALA A 355 -29.00 -1.73 -29.43
N HIS A 356 -28.93 -0.48 -29.81
CA HIS A 356 -30.01 0.16 -30.56
C HIS A 356 -29.99 -0.29 -32.02
N PRO A 357 -31.16 -0.58 -32.60
CA PRO A 357 -31.20 -0.99 -34.03
C PRO A 357 -30.60 0.02 -34.99
N SER A 358 -30.55 1.31 -34.63
CA SER A 358 -30.07 2.30 -35.60
C SER A 358 -28.54 2.37 -35.65
N THR A 359 -27.85 1.71 -34.75
CA THR A 359 -26.39 1.80 -34.70
C THR A 359 -25.78 0.87 -35.74
N GLY A 360 -24.99 1.44 -36.66
CA GLY A 360 -24.39 0.66 -37.73
C GLY A 360 -22.91 0.39 -37.61
N GLY A 361 -22.21 1.10 -36.74
CA GLY A 361 -20.79 0.85 -36.54
C GLY A 361 -20.30 1.60 -35.33
N PHE A 362 -19.10 1.22 -34.89
CA PHE A 362 -18.49 1.76 -33.67
C PHE A 362 -17.03 2.08 -33.99
N MET A 363 -16.72 3.38 -34.13
CA MET A 363 -15.34 3.84 -34.17
C MET A 363 -14.77 3.94 -32.76
N SER A 364 -13.73 3.14 -32.49
CA SER A 364 -13.29 2.79 -31.15
C SER A 364 -11.77 2.85 -31.06
N HIS A 365 -11.27 3.25 -29.89
CA HIS A 365 -9.86 3.05 -29.61
C HIS A 365 -9.54 1.59 -29.32
N CYS A 366 -10.55 0.73 -29.22
CA CYS A 366 -10.36 -0.71 -29.04
C CYS A 366 -9.79 -1.03 -27.67
N GLY A 367 -10.08 -0.21 -26.67
CA GLY A 367 -10.01 -0.72 -25.31
C GLY A 367 -10.88 -1.97 -25.20
N TRP A 368 -10.43 -2.91 -24.36
CA TRP A 368 -11.04 -4.24 -24.42
C TRP A 368 -12.50 -4.23 -24.01
N ASN A 369 -12.88 -3.38 -23.06
CA ASN A 369 -14.27 -3.40 -22.62
C ASN A 369 -15.19 -2.86 -23.71
N SER A 370 -14.72 -1.86 -24.46
CA SER A 370 -15.48 -1.39 -25.60
C SER A 370 -15.53 -2.44 -26.71
N CYS A 371 -14.42 -3.16 -26.95
CA CYS A 371 -14.48 -4.27 -27.90
C CYS A 371 -15.56 -5.27 -27.50
N LEU A 372 -15.58 -5.66 -26.22
CA LEU A 372 -16.58 -6.62 -25.75
C LEU A 372 -17.99 -6.08 -25.94
N ASP A 373 -18.19 -4.81 -25.59
CA ASP A 373 -19.46 -4.11 -25.81
C ASP A 373 -19.92 -4.30 -27.24
N SER A 374 -19.05 -3.96 -28.20
CA SER A 374 -19.41 -4.03 -29.61
C SER A 374 -19.61 -5.47 -30.05
N LEU A 375 -18.71 -6.39 -29.65
CA LEU A 375 -18.85 -7.79 -30.07
C LEU A 375 -20.13 -8.37 -29.54
N THR A 376 -20.46 -8.08 -28.28
CA THR A 376 -21.67 -8.62 -27.68
C THR A 376 -22.89 -8.17 -28.46
N MET A 377 -22.90 -6.92 -28.89
CA MET A 377 -24.06 -6.32 -29.52
C MET A 377 -24.06 -6.54 -31.03
N GLY A 378 -23.03 -7.17 -31.58
CA GLY A 378 -22.96 -7.41 -33.00
C GLY A 378 -22.72 -6.18 -33.85
N VAL A 379 -21.98 -5.21 -33.34
CA VAL A 379 -21.74 -3.97 -34.08
C VAL A 379 -20.30 -4.01 -34.60
N PRO A 380 -20.08 -3.83 -35.90
CA PRO A 380 -18.71 -3.85 -36.42
C PRO A 380 -17.93 -2.60 -36.02
N VAL A 381 -16.61 -2.76 -35.93
CA VAL A 381 -15.74 -1.78 -35.31
C VAL A 381 -14.88 -1.12 -36.38
N ALA A 382 -14.81 0.21 -36.34
CA ALA A 382 -13.79 0.96 -37.06
C ALA A 382 -12.67 1.22 -36.06
N ALA A 383 -11.59 0.45 -36.17
CA ALA A 383 -10.58 0.37 -35.12
C ALA A 383 -9.53 1.47 -35.25
N TRP A 384 -9.32 2.22 -34.18
CA TRP A 384 -8.30 3.27 -34.09
C TRP A 384 -7.49 3.07 -32.80
N PRO A 385 -6.68 2.02 -32.74
CA PRO A 385 -5.94 1.73 -31.50
C PRO A 385 -4.91 2.82 -31.22
N MET A 386 -4.67 3.07 -29.93
CA MET A 386 -3.75 4.16 -29.57
C MET A 386 -2.58 3.69 -28.72
N HIS A 387 -2.83 2.94 -27.65
CA HIS A 387 -1.76 2.60 -26.71
C HIS A 387 -2.06 1.26 -26.06
N SER A 388 -1.10 0.77 -25.27
CA SER A 388 -1.25 -0.41 -24.39
C SER A 388 -1.71 -1.61 -25.21
N ASP A 389 -2.75 -2.33 -24.80
CA ASP A 389 -3.27 -3.54 -25.43
C ASP A 389 -4.07 -3.25 -26.69
N GLN A 390 -4.41 -1.99 -26.95
CA GLN A 390 -5.34 -1.67 -28.02
C GLN A 390 -4.94 -2.17 -29.41
N PRO A 391 -3.68 -2.10 -29.86
CA PRO A 391 -3.37 -2.60 -31.21
C PRO A 391 -3.60 -4.09 -31.37
N ARG A 392 -3.28 -4.88 -30.35
CA ARG A 392 -3.49 -6.31 -30.48
C ARG A 392 -4.98 -6.65 -30.32
N ASN A 393 -5.68 -5.96 -29.42
CA ASN A 393 -7.15 -6.05 -29.38
C ASN A 393 -7.74 -5.78 -30.77
N ALA A 394 -7.27 -4.70 -31.40
CA ALA A 394 -7.77 -4.33 -32.72
C ALA A 394 -7.41 -5.37 -33.77
N MET A 395 -6.22 -5.97 -33.70
CA MET A 395 -5.94 -6.95 -34.73
C MET A 395 -6.77 -8.21 -34.52
N LEU A 396 -7.11 -8.54 -33.27
CA LEU A 396 -8.05 -9.63 -33.01
C LEU A 396 -9.41 -9.35 -33.66
N VAL A 397 -9.97 -8.15 -33.41
CA VAL A 397 -11.28 -7.81 -33.97
C VAL A 397 -11.26 -7.74 -35.50
N VAL A 398 -10.29 -7.05 -36.07
CA VAL A 398 -10.29 -6.78 -37.51
C VAL A 398 -9.67 -7.94 -38.30
N ASP A 399 -8.47 -8.38 -37.92
CA ASP A 399 -7.71 -9.31 -38.75
C ASP A 399 -8.02 -10.77 -38.44
N VAL A 400 -8.26 -11.14 -37.18
CA VAL A 400 -8.52 -12.54 -36.86
C VAL A 400 -10.00 -12.87 -36.96
N LEU A 401 -10.84 -12.06 -36.31
CA LEU A 401 -12.27 -12.31 -36.30
C LEU A 401 -13.01 -11.72 -37.49
N LYS A 402 -12.44 -10.71 -38.17
CA LYS A 402 -12.98 -10.21 -39.43
C LYS A 402 -14.29 -9.45 -39.23
N ILE A 403 -14.38 -8.67 -38.16
CA ILE A 403 -15.62 -7.93 -37.94
C ILE A 403 -15.34 -6.45 -37.75
N GLY A 404 -14.30 -5.97 -38.42
CA GLY A 404 -14.05 -4.55 -38.38
C GLY A 404 -13.17 -4.10 -39.53
N THR A 405 -12.71 -2.85 -39.40
CA THR A 405 -11.80 -2.25 -40.35
C THR A 405 -10.93 -1.25 -39.59
N PHE A 406 -9.76 -0.97 -40.14
CA PHE A 406 -8.85 -0.03 -39.50
C PHE A 406 -9.09 1.40 -39.96
N VAL A 407 -9.10 2.33 -39.01
CA VAL A 407 -9.13 3.75 -39.35
C VAL A 407 -7.74 4.23 -39.70
N ASN A 408 -6.80 3.99 -38.80
CA ASN A 408 -5.41 4.43 -38.90
C ASN A 408 -4.51 3.27 -39.35
N ASP A 409 -3.30 3.61 -39.74
CA ASP A 409 -2.31 2.59 -40.09
C ASP A 409 -1.29 2.53 -38.95
N TRP A 410 -1.24 1.37 -38.28
CA TRP A 410 -0.45 1.26 -37.06
C TRP A 410 1.01 1.61 -37.31
N GLU A 411 1.54 1.24 -38.47
CA GLU A 411 2.94 1.56 -38.74
C GLU A 411 3.16 3.05 -38.96
N LYS A 412 2.09 3.83 -39.02
CA LYS A 412 2.16 5.28 -39.18
C LYS A 412 1.52 5.97 -37.98
N ARG A 413 1.56 5.34 -36.80
CA ARG A 413 0.75 5.82 -35.69
C ARG A 413 1.19 7.18 -35.18
N SER A 414 2.40 7.61 -35.47
CA SER A 414 2.80 8.95 -35.05
C SER A 414 2.23 10.05 -35.93
N GLU A 415 1.63 9.71 -37.07
CA GLU A 415 1.11 10.71 -37.99
C GLU A 415 -0.33 11.11 -37.63
N LEU A 416 -0.66 12.35 -37.92
CA LEU A 416 -2.05 12.80 -37.84
C LEU A 416 -2.94 11.93 -38.73
N VAL A 417 -4.07 11.49 -38.18
CA VAL A 417 -5.05 10.76 -38.99
C VAL A 417 -5.91 11.78 -39.73
N SER A 418 -5.85 11.76 -41.05
CA SER A 418 -6.51 12.77 -41.86
C SER A 418 -8.03 12.60 -41.88
N SER A 419 -8.74 13.71 -42.10
CA SER A 419 -10.19 13.62 -42.24
C SER A 419 -10.59 12.68 -43.37
N ALA A 420 -9.77 12.57 -44.42
CA ALA A 420 -10.10 11.66 -45.52
C ALA A 420 -10.07 10.20 -45.06
N MET A 421 -9.05 9.84 -44.28
CA MET A 421 -8.95 8.47 -43.77
C MET A 421 -10.15 8.13 -42.89
N ILE A 422 -10.57 9.09 -42.08
CA ILE A 422 -11.70 8.88 -41.18
C ILE A 422 -12.99 8.70 -41.98
N ALA A 423 -13.22 9.57 -42.97
CA ALA A 423 -14.45 9.44 -43.74
C ALA A 423 -14.48 8.14 -44.52
N LYS A 424 -13.33 7.70 -45.03
CA LYS A 424 -13.30 6.46 -45.79
C LYS A 424 -13.71 5.28 -44.90
N ALA A 425 -13.21 5.24 -43.67
CA ALA A 425 -13.55 4.13 -42.76
C ALA A 425 -15.04 4.16 -42.40
N VAL A 426 -15.61 5.35 -42.19
CA VAL A 426 -17.00 5.45 -41.78
C VAL A 426 -17.93 5.01 -42.92
N LYS A 427 -17.71 5.56 -44.12
CA LYS A 427 -18.52 5.15 -45.27
C LYS A 427 -18.43 3.65 -45.53
N LYS A 428 -17.21 3.09 -45.41
CA LYS A 428 -17.05 1.64 -45.61
C LYS A 428 -17.99 0.85 -44.71
N LEU A 429 -17.95 1.13 -43.40
CA LEU A 429 -18.71 0.32 -42.46
C LEU A 429 -20.22 0.55 -42.60
N VAL A 430 -20.65 1.79 -42.74
CA VAL A 430 -22.08 2.08 -42.70
C VAL A 430 -22.74 2.02 -44.08
N ALA A 431 -22.01 2.29 -45.15
CA ALA A 431 -22.67 2.55 -46.43
C ALA A 431 -22.36 1.55 -47.53
N SER A 432 -21.23 0.85 -47.49
CA SER A 432 -20.78 0.09 -48.65
C SER A 432 -21.14 -1.39 -48.53
N LYS A 433 -21.12 -2.07 -49.69
CA LYS A 433 -21.42 -3.50 -49.74
C LYS A 433 -20.47 -4.31 -48.86
N GLU A 434 -19.19 -3.96 -48.86
CA GLU A 434 -18.24 -4.65 -47.99
C GLU A 434 -18.56 -4.41 -46.51
N GLY A 435 -19.12 -3.26 -46.17
CA GLY A 435 -19.56 -3.05 -44.79
C GLY A 435 -20.70 -3.95 -44.38
N ALA A 436 -21.64 -4.20 -45.30
CA ALA A 436 -22.71 -5.16 -45.00
C ALA A 436 -22.17 -6.57 -44.78
N GLU A 437 -21.08 -6.94 -45.47
CA GLU A 437 -20.44 -8.24 -45.24
C GLU A 437 -19.74 -8.31 -43.88
N ILE A 438 -19.04 -7.25 -43.50
CA ILE A 438 -18.45 -7.17 -42.16
C ILE A 438 -19.55 -7.21 -41.10
N ARG A 439 -20.64 -6.48 -41.34
CA ARG A 439 -21.73 -6.43 -40.37
C ARG A 439 -22.37 -7.80 -40.20
N LYS A 440 -22.51 -8.55 -41.28
CA LYS A 440 -23.10 -9.88 -41.15
C LYS A 440 -22.24 -10.80 -40.26
N ARG A 441 -20.90 -10.77 -40.42
CA ARG A 441 -20.07 -11.55 -39.49
C ARG A 441 -20.11 -10.99 -38.08
N ALA A 442 -20.18 -9.66 -37.92
CA ALA A 442 -20.35 -9.08 -36.59
C ALA A 442 -21.64 -9.56 -35.94
N VAL A 443 -22.73 -9.60 -36.69
CA VAL A 443 -24.01 -10.07 -36.15
C VAL A 443 -23.91 -11.53 -35.72
N GLU A 444 -23.20 -12.36 -36.49
CA GLU A 444 -23.04 -13.76 -36.09
C GLU A 444 -22.14 -13.91 -34.87
N MET A 445 -21.09 -13.09 -34.75
CA MET A 445 -20.29 -13.13 -33.53
C MET A 445 -21.12 -12.74 -32.33
N GLY A 446 -21.91 -11.67 -32.46
CA GLY A 446 -22.78 -11.24 -31.39
C GLY A 446 -23.68 -12.35 -30.87
N ALA A 447 -24.31 -13.08 -31.80
CA ALA A 447 -25.19 -14.16 -31.38
C ALA A 447 -24.42 -15.22 -30.60
N ALA A 448 -23.22 -15.55 -31.04
CA ALA A 448 -22.43 -16.55 -30.34
C ALA A 448 -21.94 -16.04 -28.98
N VAL A 449 -21.59 -14.76 -28.89
CA VAL A 449 -21.17 -14.21 -27.59
C VAL A 449 -22.34 -14.22 -26.61
N ARG A 450 -23.51 -13.76 -27.03
CA ARG A 450 -24.66 -13.72 -26.13
C ARG A 450 -25.10 -15.13 -25.70
N GLN A 451 -24.98 -16.10 -26.60
CA GLN A 451 -25.29 -17.49 -26.26
C GLN A 451 -24.31 -18.09 -25.28
N SER A 452 -23.05 -17.63 -25.27
CA SER A 452 -22.07 -18.24 -24.37
C SER A 452 -22.39 -17.98 -22.90
N VAL A 453 -23.21 -16.97 -22.60
CA VAL A 453 -23.55 -16.65 -21.23
C VAL A 453 -24.86 -17.30 -20.80
N ALA A 454 -25.68 -17.76 -21.74
CA ALA A 454 -26.93 -18.42 -21.40
C ALA A 454 -26.67 -19.87 -20.96
N ASP A 455 -27.76 -20.52 -20.51
CA ASP A 455 -27.64 -21.89 -20.00
C ASP A 455 -27.12 -22.81 -21.11
N GLY A 456 -26.14 -23.64 -20.76
CA GLY A 456 -25.46 -24.46 -21.73
C GLY A 456 -24.33 -23.78 -22.47
N GLY A 457 -24.22 -22.45 -22.39
CA GLY A 457 -23.17 -21.74 -23.10
C GLY A 457 -21.82 -21.93 -22.46
N VAL A 458 -20.76 -21.73 -23.26
CA VAL A 458 -19.42 -22.01 -22.76
C VAL A 458 -19.06 -21.13 -21.56
N THR A 459 -19.46 -19.86 -21.56
CA THR A 459 -19.10 -19.01 -20.41
C THR A 459 -19.87 -19.42 -19.15
N ARG A 460 -21.15 -19.81 -19.30
CA ARG A 460 -21.89 -20.27 -18.13
C ARG A 460 -21.25 -21.51 -17.53
N MET A 461 -20.73 -22.40 -18.38
CA MET A 461 -20.05 -23.59 -17.87
C MET A 461 -18.77 -23.21 -17.15
N GLU A 462 -18.01 -22.24 -17.68
CA GLU A 462 -16.81 -21.79 -17.00
C GLU A 462 -17.13 -21.18 -15.64
N LEU A 463 -18.19 -20.36 -15.58
CA LEU A 463 -18.57 -19.69 -14.35
C LEU A 463 -19.06 -20.70 -13.32
N ASP A 464 -19.83 -21.69 -13.77
CA ASP A 464 -20.27 -22.76 -12.86
C ASP A 464 -19.06 -23.47 -12.26
N SER A 465 -18.06 -23.75 -13.09
CA SER A 465 -16.88 -24.45 -12.60
C SER A 465 -16.03 -23.55 -11.70
N PHE A 466 -15.93 -22.26 -12.03
CA PHE A 466 -15.22 -21.33 -11.16
C PHE A 466 -15.88 -21.27 -9.79
N ILE A 467 -17.21 -21.17 -9.75
CA ILE A 467 -17.93 -21.12 -8.48
C ILE A 467 -17.72 -22.41 -7.69
N ALA A 468 -17.72 -23.55 -8.39
CA ALA A 468 -17.44 -24.82 -7.72
C ALA A 468 -16.04 -24.82 -7.14
N GLN A 469 -15.09 -24.27 -7.87
CA GLN A 469 -13.70 -24.20 -7.39
C GLN A 469 -13.61 -23.39 -6.10
N ILE A 470 -14.18 -22.18 -6.09
CA ILE A 470 -13.94 -21.33 -4.94
C ILE A 470 -14.80 -21.68 -3.74
N SER A 471 -15.79 -22.56 -3.89
CA SER A 471 -16.57 -22.97 -2.72
C SER A 471 -16.36 -24.43 -2.36
N ARG A 472 -15.26 -25.03 -2.84
CA ARG A 472 -14.92 -26.39 -2.44
C ARG A 472 -14.64 -26.43 -0.94
N ILE A 473 -14.84 -27.60 -0.34
CA ILE A 473 -14.56 -27.74 1.09
C ILE A 473 -13.32 -28.58 1.30
N GLN B 19 -2.33 31.82 18.87
CA GLN B 19 -1.70 30.84 19.75
C GLN B 19 -1.72 29.45 19.11
N ILE B 20 -0.57 28.79 19.23
CA ILE B 20 -0.33 27.41 18.82
C ILE B 20 -0.36 26.58 20.08
N VAL B 21 -0.90 25.36 20.01
CA VAL B 21 -0.85 24.47 21.16
C VAL B 21 -0.64 23.07 20.63
N VAL B 22 0.11 22.26 21.38
CA VAL B 22 0.41 20.88 21.00
C VAL B 22 -0.31 19.96 21.98
N VAL B 23 -0.87 18.88 21.45
CA VAL B 23 -1.45 17.80 22.24
C VAL B 23 -0.68 16.53 21.91
N MET B 24 -0.07 15.93 22.93
CA MET B 24 0.79 14.75 22.84
C MET B 24 -0.09 13.56 23.19
N VAL B 25 -0.23 12.59 22.29
CA VAL B 25 -1.05 11.45 22.68
C VAL B 25 -0.26 10.17 22.46
N PRO B 26 0.42 9.63 23.47
CA PRO B 26 1.19 8.40 23.27
C PRO B 26 0.29 7.16 23.36
N PHE B 27 0.79 6.08 22.80
CA PHE B 27 0.26 4.78 23.16
C PHE B 27 0.76 4.42 24.56
N PRO B 28 -0.10 3.89 25.44
CA PRO B 28 0.28 3.67 26.85
C PRO B 28 1.17 2.45 27.06
N ALA B 29 2.39 2.56 26.56
CA ALA B 29 3.43 1.56 26.78
C ALA B 29 4.73 2.33 26.99
N GLN B 30 5.65 1.73 27.76
CA GLN B 30 6.73 2.50 28.36
C GLN B 30 7.52 3.31 27.34
N SER B 31 8.08 2.62 26.35
CA SER B 31 8.83 3.30 25.30
C SER B 31 8.06 4.48 24.69
N HIS B 32 6.78 4.25 24.39
CA HIS B 32 6.01 5.28 23.70
C HIS B 32 5.67 6.45 24.62
N LEU B 33 5.27 6.17 25.87
CA LEU B 33 5.05 7.25 26.84
C LEU B 33 6.31 8.09 27.00
N ASN B 34 7.44 7.43 27.16
CA ASN B 34 8.70 8.12 27.38
C ASN B 34 9.12 8.94 26.17
N GLN B 35 8.98 8.39 24.96
CA GLN B 35 9.31 9.12 23.73
C GLN B 35 8.64 10.49 23.69
N LEU B 36 7.34 10.54 23.95
CA LEU B 36 6.64 11.81 23.83
C LEU B 36 6.88 12.75 25.01
N LEU B 37 7.27 12.22 26.17
CA LEU B 37 7.75 13.11 27.23
C LEU B 37 9.01 13.85 26.78
N HIS B 38 9.92 13.14 26.11
CA HIS B 38 11.14 13.81 25.68
C HIS B 38 10.93 14.67 24.43
N LEU B 39 9.99 14.31 23.55
CA LEU B 39 9.64 15.28 22.52
C LEU B 39 9.09 16.56 23.15
N SER B 40 8.32 16.41 24.24
CA SER B 40 7.83 17.61 24.92
C SER B 40 8.98 18.43 25.46
N ARG B 41 10.01 17.75 26.00
CA ARG B 41 11.21 18.46 26.45
C ARG B 41 11.85 19.24 25.30
N LEU B 42 11.87 18.67 24.09
CA LEU B 42 12.48 19.35 22.94
C LEU B 42 11.65 20.54 22.47
N ILE B 43 10.31 20.43 22.51
CA ILE B 43 9.46 21.48 21.95
C ILE B 43 9.21 22.60 22.95
N SER B 44 9.18 22.27 24.24
CA SER B 44 8.82 23.26 25.26
C SER B 44 9.64 24.56 25.20
N PRO B 45 10.96 24.55 24.97
CA PRO B 45 11.70 25.84 24.97
C PRO B 45 11.29 26.79 23.86
N TYR B 46 10.56 26.31 22.86
CA TYR B 46 10.05 27.17 21.80
C TYR B 46 8.82 27.94 22.24
N ASN B 47 8.42 27.79 23.50
CA ASN B 47 7.35 28.56 24.13
C ASN B 47 6.00 28.23 23.48
N ILE B 48 5.73 26.93 23.36
CA ILE B 48 4.47 26.42 22.86
C ILE B 48 3.84 25.59 23.98
N PRO B 49 2.62 25.86 24.41
CA PRO B 49 2.00 25.01 25.43
C PRO B 49 1.80 23.60 24.90
N ILE B 50 2.01 22.64 25.78
CA ILE B 50 1.94 21.21 25.47
C ILE B 50 1.00 20.55 26.46
N HIS B 51 0.04 19.79 25.93
CA HIS B 51 -0.85 18.95 26.70
C HIS B 51 -0.46 17.51 26.42
N TYR B 52 -0.29 16.73 27.48
CA TYR B 52 0.14 15.35 27.35
C TYR B 52 -0.93 14.46 27.97
N VAL B 53 -1.40 13.47 27.21
CA VAL B 53 -2.62 12.74 27.54
C VAL B 53 -2.30 11.27 27.75
N SER B 54 -2.64 10.74 28.93
CA SER B 54 -2.65 9.29 29.16
C SER B 54 -3.60 8.96 30.32
N THR B 55 -3.52 7.70 30.80
CA THR B 55 -4.29 7.22 31.95
C THR B 55 -3.57 7.57 33.26
N PRO B 56 -4.29 7.59 34.39
CA PRO B 56 -3.61 7.79 35.68
C PRO B 56 -2.48 6.80 35.93
N SER B 57 -2.72 5.52 35.68
CA SER B 57 -1.69 4.51 35.92
C SER B 57 -0.48 4.71 35.00
N HIS B 58 -0.71 5.02 33.73
CA HIS B 58 0.42 5.16 32.80
C HIS B 58 1.14 6.48 32.98
N VAL B 59 0.45 7.53 33.46
CA VAL B 59 1.15 8.76 33.82
C VAL B 59 2.03 8.53 35.04
N ARG B 60 1.51 7.81 36.04
CA ARG B 60 2.32 7.41 37.19
C ARG B 60 3.53 6.60 36.75
N GLN B 61 3.32 5.62 35.88
CA GLN B 61 4.43 4.83 35.36
C GLN B 61 5.42 5.71 34.62
N ALA B 62 4.93 6.55 33.70
CA ALA B 62 5.82 7.39 32.89
C ALA B 62 6.63 8.33 33.76
N LYS B 63 5.98 8.96 34.75
CA LYS B 63 6.67 9.91 35.61
C LYS B 63 7.70 9.20 36.50
N SER B 64 7.32 8.06 37.05
CA SER B 64 8.21 7.36 37.98
C SER B 64 9.51 6.93 37.29
N ARG B 65 9.44 6.64 35.99
CA ARG B 65 10.58 6.12 35.24
C ARG B 65 11.28 7.18 34.39
N LEU B 66 10.74 8.40 34.35
CA LEU B 66 11.33 9.44 33.53
C LEU B 66 12.73 9.75 34.04
N GLN B 67 13.67 9.91 33.11
CA GLN B 67 15.02 10.33 33.45
C GLN B 67 15.48 11.47 32.56
N ASN B 68 16.34 12.31 33.14
CA ASN B 68 17.07 13.35 32.41
C ASN B 68 16.12 14.42 31.87
N TRP B 69 15.11 14.75 32.66
CA TRP B 69 14.28 15.91 32.38
C TRP B 69 13.58 16.33 33.67
N ASN B 70 13.75 17.59 34.08
CA ASN B 70 12.98 18.09 35.21
C ASN B 70 11.62 18.53 34.71
N ILE B 71 10.66 17.60 34.77
CA ILE B 71 9.34 17.84 34.24
C ILE B 71 8.60 18.86 35.12
N ASN B 72 8.88 18.87 36.43
CA ASN B 72 8.17 19.81 37.32
C ASN B 72 8.56 21.25 37.07
N SER B 73 9.64 21.51 36.34
CA SER B 73 10.07 22.85 35.97
C SER B 73 9.66 23.26 34.57
N ALA B 74 8.90 22.42 33.87
CA ALA B 74 8.48 22.75 32.50
C ALA B 74 7.30 23.69 32.57
N THR B 75 7.45 24.85 31.97
CA THR B 75 6.48 25.93 32.12
C THR B 75 5.09 25.54 31.62
N ASN B 76 4.82 25.64 30.32
CA ASN B 76 3.47 25.41 29.83
C ASN B 76 3.28 23.95 29.41
N PHE B 77 3.54 23.02 30.32
CA PHE B 77 3.41 21.59 30.09
C PHE B 77 2.33 21.04 31.01
N HIS B 78 1.27 20.47 30.43
CA HIS B 78 0.08 20.07 31.18
C HIS B 78 -0.22 18.60 30.93
N ILE B 79 -0.30 17.83 32.01
CA ILE B 79 -0.60 16.41 31.94
C ILE B 79 -2.08 16.22 32.22
N HIS B 80 -2.76 15.46 31.36
CA HIS B 80 -4.16 15.09 31.54
C HIS B 80 -4.26 13.61 31.84
N GLU B 81 -4.78 13.27 33.02
CA GLU B 81 -4.93 11.88 33.43
C GLU B 81 -6.39 11.49 33.25
N TYR B 82 -6.68 10.72 32.20
CA TYR B 82 -8.04 10.32 31.86
C TYR B 82 -8.21 8.84 32.21
N PRO B 83 -9.15 8.47 33.07
CA PRO B 83 -9.35 7.05 33.36
C PRO B 83 -9.95 6.31 32.17
N ILE B 84 -9.60 5.04 32.06
CA ILE B 84 -10.17 4.13 31.07
C ILE B 84 -10.80 2.97 31.82
N PRO B 85 -11.63 2.16 31.15
CA PRO B 85 -12.26 1.03 31.84
C PRO B 85 -11.20 0.05 32.33
N SER B 86 -11.55 -0.69 33.39
CA SER B 86 -10.71 -1.76 33.87
C SER B 86 -10.48 -2.78 32.76
N PHE B 87 -9.31 -3.42 32.78
CA PHE B 87 -9.02 -4.41 31.72
C PHE B 87 -8.12 -5.51 32.31
N GLU B 88 -7.98 -6.61 31.58
CA GLU B 88 -7.20 -7.76 32.03
C GLU B 88 -5.74 -7.42 31.85
N ALA B 89 -5.03 -7.13 32.96
CA ALA B 89 -3.57 -6.95 32.88
C ALA B 89 -2.88 -8.31 32.88
N LEU B 90 -3.06 -9.03 31.77
CA LEU B 90 -2.52 -10.39 31.61
C LEU B 90 -1.02 -10.44 31.88
N PRO B 91 -0.53 -11.55 32.44
CA PRO B 91 0.90 -11.71 32.59
C PRO B 91 1.55 -12.02 31.25
N PRO B 92 2.81 -11.63 31.06
CA PRO B 92 3.52 -12.03 29.84
C PRO B 92 3.71 -13.53 29.78
N ASN B 93 3.74 -14.06 28.56
CA ASN B 93 3.92 -15.50 28.32
C ASN B 93 5.23 -15.74 27.58
N PRO B 94 6.25 -16.30 28.25
CA PRO B 94 7.52 -16.57 27.54
C PRO B 94 7.39 -17.59 26.43
N ASN B 95 6.34 -18.41 26.45
CA ASN B 95 6.19 -19.49 25.48
C ASN B 95 5.36 -19.09 24.26
N ASP B 96 4.90 -17.83 24.19
CA ASP B 96 4.37 -17.24 22.97
C ASP B 96 5.40 -17.38 21.85
N PRO B 97 5.03 -18.00 20.72
CA PRO B 97 6.02 -18.23 19.65
C PRO B 97 6.62 -16.96 19.08
N THR B 98 5.86 -15.86 19.01
CA THR B 98 6.35 -14.68 18.29
C THR B 98 7.27 -13.77 19.13
N LYS B 99 7.24 -13.88 20.46
CA LYS B 99 7.91 -13.00 21.42
C LYS B 99 7.25 -11.62 21.50
N PHE B 100 6.26 -11.34 20.65
CA PHE B 100 5.52 -10.09 20.69
C PHE B 100 4.73 -10.01 22.00
N PRO B 101 4.56 -8.80 22.57
CA PRO B 101 3.83 -8.68 23.87
C PRO B 101 2.31 -8.81 23.72
N THR B 102 1.87 -10.01 23.37
CA THR B 102 0.45 -10.26 23.10
C THR B 102 -0.42 -10.10 24.33
N HIS B 103 0.16 -10.15 25.53
CA HIS B 103 -0.59 -9.93 26.75
C HIS B 103 -1.10 -8.49 26.85
N LEU B 104 -0.67 -7.60 25.95
CA LEU B 104 -1.12 -6.21 25.95
C LEU B 104 -2.43 -6.01 25.21
N LEU B 105 -2.97 -7.04 24.56
CA LEU B 105 -4.17 -6.84 23.74
C LEU B 105 -5.34 -6.25 24.53
N PRO B 106 -5.63 -6.67 25.77
CA PRO B 106 -6.78 -6.03 26.45
C PRO B 106 -6.56 -4.56 26.69
N LEU B 107 -5.32 -4.13 26.92
CA LEU B 107 -5.04 -2.71 27.07
C LEU B 107 -5.22 -1.97 25.75
N PHE B 108 -4.80 -2.57 24.62
CA PHE B 108 -5.12 -1.97 23.31
C PHE B 108 -6.61 -1.63 23.21
N HIS B 109 -7.48 -2.59 23.52
CA HIS B 109 -8.92 -2.35 23.43
C HIS B 109 -9.39 -1.32 24.45
N ALA B 110 -8.91 -1.41 25.69
CA ALA B 110 -9.32 -0.46 26.71
C ALA B 110 -8.87 0.96 26.36
N SER B 111 -7.68 1.10 25.77
CA SER B 111 -7.16 2.44 25.51
C SER B 111 -7.98 3.21 24.47
N ARG B 112 -8.76 2.53 23.62
CA ARG B 112 -9.59 3.26 22.65
C ARG B 112 -10.58 4.17 23.33
N HIS B 113 -10.88 3.90 24.60
CA HIS B 113 -11.81 4.72 25.37
C HIS B 113 -11.33 6.16 25.55
N LEU B 114 -10.03 6.41 25.40
CA LEU B 114 -9.51 7.76 25.49
C LEU B 114 -10.08 8.70 24.42
N CYS B 115 -10.74 8.16 23.39
CA CYS B 115 -11.28 9.01 22.33
C CYS B 115 -12.23 10.06 22.89
N GLU B 116 -13.11 9.67 23.82
CA GLU B 116 -14.08 10.63 24.34
C GLU B 116 -13.41 11.81 25.02
N PRO B 117 -12.56 11.64 26.05
CA PRO B 117 -11.96 12.83 26.67
C PRO B 117 -10.97 13.56 25.77
N VAL B 118 -10.35 12.87 24.80
CA VAL B 118 -9.43 13.57 23.90
C VAL B 118 -10.21 14.40 22.89
N THR B 119 -11.32 13.87 22.39
CA THR B 119 -12.18 14.63 21.49
C THR B 119 -12.65 15.93 22.16
N ALA B 120 -13.06 15.83 23.43
CA ALA B 120 -13.52 17.03 24.13
C ALA B 120 -12.38 18.01 24.30
N LEU B 121 -11.18 17.51 24.64
CA LEU B 121 -10.05 18.41 24.82
C LEU B 121 -9.68 19.10 23.52
N LEU B 122 -9.72 18.37 22.39
CA LEU B 122 -9.42 18.98 21.09
C LEU B 122 -10.43 20.06 20.74
N HIS B 123 -11.72 19.81 21.00
CA HIS B 123 -12.71 20.86 20.75
C HIS B 123 -12.49 22.06 21.65
N SER B 124 -12.12 21.85 22.91
CA SER B 124 -11.99 22.98 23.81
C SER B 124 -10.78 23.85 23.41
N LEU B 125 -9.66 23.23 23.05
CA LEU B 125 -8.48 24.01 22.65
C LEU B 125 -8.70 24.69 21.30
N ALA B 126 -9.35 24.00 20.36
CA ALA B 126 -9.58 24.57 19.03
C ALA B 126 -10.49 25.78 19.07
N ALA B 127 -11.29 25.90 20.13
CA ALA B 127 -12.14 27.08 20.27
C ALA B 127 -11.32 28.34 20.45
N THR B 128 -10.10 28.21 20.98
CA THR B 128 -9.32 29.39 21.39
C THR B 128 -7.92 29.43 20.80
N ALA B 129 -7.55 28.49 19.94
CA ALA B 129 -6.20 28.45 19.40
C ALA B 129 -6.24 28.74 17.91
N HIS B 130 -5.13 29.30 17.38
CA HIS B 130 -5.03 29.36 15.93
C HIS B 130 -4.93 27.96 15.33
N ARG B 131 -4.12 27.09 15.95
CA ARG B 131 -3.91 25.74 15.47
C ARG B 131 -3.70 24.84 16.68
N VAL B 132 -4.32 23.67 16.64
CA VAL B 132 -4.07 22.63 17.62
C VAL B 132 -3.27 21.56 16.90
N VAL B 133 -2.04 21.32 17.35
CA VAL B 133 -1.11 20.41 16.71
C VAL B 133 -1.13 19.11 17.50
N VAL B 134 -1.64 18.04 16.91
CA VAL B 134 -1.85 16.79 17.64
C VAL B 134 -0.76 15.80 17.22
N ILE B 135 0.12 15.44 18.13
CA ILE B 135 1.21 14.52 17.87
C ILE B 135 0.88 13.21 18.58
N HIS B 136 0.73 12.14 17.82
CA HIS B 136 0.17 10.91 18.37
C HIS B 136 0.90 9.70 17.81
N ASP B 137 0.99 8.67 18.64
CA ASP B 137 1.48 7.37 18.19
C ASP B 137 0.55 6.80 17.12
N VAL B 138 1.15 6.17 16.09
CA VAL B 138 0.33 5.54 15.06
C VAL B 138 -0.68 4.59 15.68
N LEU B 139 -0.25 3.84 16.71
CA LEU B 139 -1.11 2.83 17.31
C LEU B 139 -2.27 3.43 18.11
N ILE B 140 -2.36 4.74 18.27
CA ILE B 140 -3.50 5.30 18.99
C ILE B 140 -4.23 6.30 18.08
N SER B 141 -4.06 6.11 16.77
CA SER B 141 -4.66 7.02 15.78
C SER B 141 -6.17 7.14 15.94
N SER B 142 -6.85 6.02 16.24
CA SER B 142 -8.31 6.09 16.35
C SER B 142 -8.74 7.05 17.45
N VAL B 143 -7.91 7.25 18.48
CA VAL B 143 -8.26 8.10 19.61
C VAL B 143 -8.29 9.57 19.20
N VAL B 144 -7.52 9.98 18.19
CA VAL B 144 -7.43 11.38 17.81
C VAL B 144 -8.20 11.68 16.53
N GLN B 145 -9.08 10.77 16.09
CA GLN B 145 -9.64 10.89 14.75
C GLN B 145 -10.52 12.12 14.59
N GLU B 146 -10.96 12.75 15.68
CA GLU B 146 -11.74 13.97 15.53
C GLU B 146 -10.95 15.11 14.89
N VAL B 147 -9.63 14.96 14.71
CA VAL B 147 -8.89 15.99 13.99
C VAL B 147 -9.41 16.13 12.56
N LYS B 148 -9.98 15.06 11.99
CA LYS B 148 -10.46 15.19 10.61
C LYS B 148 -11.67 16.10 10.52
N ASN B 149 -12.36 16.34 11.63
CA ASN B 149 -13.53 17.19 11.66
C ASN B 149 -13.26 18.59 12.21
N ILE B 150 -12.06 18.87 12.71
CA ILE B 150 -11.74 20.18 13.27
C ILE B 150 -10.81 20.91 12.30
N PRO B 151 -11.22 22.05 11.73
CA PRO B 151 -10.42 22.65 10.65
C PRO B 151 -9.07 23.17 11.10
N ASN B 152 -8.95 23.63 12.34
CA ASN B 152 -7.70 24.21 12.82
C ASN B 152 -6.92 23.22 13.69
N ALA B 153 -7.12 21.93 13.47
CA ALA B 153 -6.35 20.88 14.12
C ALA B 153 -5.66 20.08 13.04
N GLU B 154 -4.34 19.87 13.19
CA GLU B 154 -3.61 19.06 12.23
C GLU B 154 -2.77 18.05 12.99
N ALA B 155 -2.74 16.83 12.46
CA ALA B 155 -2.16 15.70 13.15
C ALA B 155 -0.77 15.41 12.60
N TYR B 156 0.14 15.04 13.50
CA TYR B 156 1.43 14.52 13.09
C TYR B 156 1.56 13.14 13.69
N ALA B 157 1.64 12.13 12.83
CA ALA B 157 1.76 10.76 13.26
C ALA B 157 3.20 10.47 13.66
N LEU B 158 3.38 9.96 14.85
CA LEU B 158 4.69 9.60 15.35
C LEU B 158 4.96 8.15 14.97
N GLN B 159 5.98 7.95 14.14
CA GLN B 159 6.41 6.62 13.78
C GLN B 159 7.56 6.30 14.71
N SER B 160 7.43 5.22 15.49
CA SER B 160 8.29 4.99 16.65
C SER B 160 9.55 4.19 16.34
N VAL B 161 9.68 3.61 15.15
CA VAL B 161 10.75 2.63 14.92
C VAL B 161 11.73 3.24 13.93
N SER B 162 12.82 2.54 13.59
CA SER B 162 13.80 3.11 12.68
C SER B 162 13.16 3.38 11.31
N VAL B 163 13.64 4.43 10.66
CA VAL B 163 13.12 4.72 9.32
C VAL B 163 13.54 3.63 8.36
N PHE B 164 14.71 3.03 8.61
CA PHE B 164 15.10 1.87 7.81
C PHE B 164 14.02 0.78 7.86
N ASN B 165 13.55 0.45 9.07
CA ASN B 165 12.48 -0.55 9.18
C ASN B 165 11.21 -0.07 8.50
N HIS B 166 10.81 1.17 8.77
CA HIS B 166 9.57 1.69 8.23
C HIS B 166 9.61 1.73 6.71
N PHE B 167 10.67 2.33 6.15
CA PHE B 167 10.72 2.45 4.71
C PHE B 167 10.89 1.08 4.04
N ALA B 168 11.72 0.20 4.61
CA ALA B 168 11.89 -1.11 3.98
C ALA B 168 10.57 -1.86 3.96
N THR B 169 9.80 -1.79 5.04
CA THR B 169 8.49 -2.45 5.07
C THR B 169 7.54 -1.82 4.06
N ILE B 170 7.49 -0.49 4.01
CA ILE B 170 6.64 0.17 3.03
C ILE B 170 7.06 -0.22 1.63
N TRP B 171 8.36 -0.25 1.38
CA TRP B 171 8.87 -0.60 0.06
C TRP B 171 8.41 -2.01 -0.34
N GLU B 172 8.47 -2.96 0.59
CA GLU B 172 7.98 -4.31 0.27
C GLU B 172 6.47 -4.31 0.05
N MET B 173 5.74 -3.51 0.83
CA MET B 173 4.30 -3.44 0.66
C MET B 173 3.91 -2.87 -0.71
N MET B 174 4.71 -1.94 -1.26
CA MET B 174 4.51 -1.39 -2.61
C MET B 174 4.91 -2.33 -3.73
N GLY B 175 5.42 -3.52 -3.42
CA GLY B 175 5.87 -4.42 -4.47
C GLY B 175 7.33 -4.27 -4.84
N LYS B 176 8.16 -3.73 -3.95
CA LYS B 176 9.59 -3.55 -4.20
C LYS B 176 9.84 -2.74 -5.49
N PRO B 177 9.34 -1.51 -5.57
CA PRO B 177 9.61 -0.69 -6.75
C PRO B 177 11.11 -0.53 -6.96
N SER B 178 11.51 -0.44 -8.23
CA SER B 178 12.92 -0.32 -8.58
C SER B 178 13.40 1.13 -8.61
N SER B 179 12.53 2.10 -8.39
CA SER B 179 12.96 3.50 -8.37
C SER B 179 13.84 3.84 -7.15
N VAL B 180 14.20 2.92 -6.26
CA VAL B 180 15.23 3.15 -5.25
C VAL B 180 16.32 2.10 -5.45
N GLU B 181 17.56 2.55 -5.52
CA GLU B 181 18.72 1.68 -5.57
C GLU B 181 19.37 1.64 -4.19
N ASP B 182 19.40 0.45 -3.58
CA ASP B 182 20.07 0.30 -2.29
C ASP B 182 20.30 -1.18 -2.04
N GLU B 183 21.58 -1.58 -1.95
CA GLU B 183 21.88 -3.00 -1.80
C GLU B 183 21.25 -3.59 -0.54
N ALA B 184 21.13 -2.80 0.53
CA ALA B 184 20.59 -3.31 1.79
C ALA B 184 19.16 -3.84 1.62
N LEU B 185 18.37 -3.20 0.76
CA LEU B 185 17.00 -3.64 0.55
C LEU B 185 16.92 -5.00 -0.10
N ASN B 186 18.01 -5.52 -0.66
CA ASN B 186 18.01 -6.85 -1.26
C ASN B 186 18.31 -7.95 -0.25
N HIS B 187 18.53 -7.61 1.02
CA HIS B 187 18.98 -8.56 2.02
C HIS B 187 18.20 -8.37 3.32
N LEU B 188 16.91 -8.07 3.22
CA LEU B 188 16.14 -7.78 4.40
C LEU B 188 15.82 -9.04 5.19
N PRO B 189 15.84 -8.98 6.52
CA PRO B 189 15.40 -10.13 7.32
C PRO B 189 13.92 -10.40 7.12
N SER B 190 13.55 -11.67 7.26
CA SER B 190 12.15 -12.03 7.07
C SER B 190 11.30 -11.38 8.16
N GLN B 191 10.08 -11.00 7.80
CA GLN B 191 9.17 -10.50 8.82
C GLN B 191 8.23 -11.58 9.34
N GLU B 192 8.45 -12.85 8.98
CA GLU B 192 7.54 -13.89 9.42
C GLU B 192 7.72 -14.14 10.92
N GLY B 193 6.61 -14.13 11.66
CA GLY B 193 6.65 -14.26 13.11
C GLY B 193 6.95 -12.99 13.88
N CYS B 194 7.22 -11.86 13.21
CA CYS B 194 7.55 -10.64 13.93
C CYS B 194 6.38 -10.16 14.78
N VAL B 195 5.15 -10.31 14.29
CA VAL B 195 3.97 -10.05 15.10
C VAL B 195 2.94 -11.13 14.85
N PRO B 196 2.13 -11.47 15.85
CA PRO B 196 1.08 -12.46 15.64
C PRO B 196 -0.07 -11.87 14.86
N MET B 197 -0.92 -12.75 14.33
CA MET B 197 -1.96 -12.33 13.40
C MET B 197 -2.99 -11.40 14.03
N GLU B 198 -3.19 -11.44 15.35
CA GLU B 198 -4.15 -10.54 15.99
C GLU B 198 -3.72 -9.08 15.85
N PHE B 199 -2.43 -8.81 15.98
CA PHE B 199 -2.00 -7.43 15.92
C PHE B 199 -1.81 -6.95 14.49
N ILE B 200 -1.86 -7.85 13.49
CA ILE B 200 -1.80 -7.39 12.10
C ILE B 200 -3.01 -6.51 11.79
N GLU B 201 -4.20 -7.01 12.06
CA GLU B 201 -5.41 -6.22 11.83
C GLU B 201 -5.38 -4.93 12.63
N ILE B 202 -4.88 -5.00 13.87
CA ILE B 202 -4.79 -3.81 14.71
C ILE B 202 -3.76 -2.83 14.14
N LEU B 203 -2.55 -3.31 13.87
CA LEU B 203 -1.50 -2.42 13.36
C LEU B 203 -1.91 -1.81 12.03
N MET B 204 -2.52 -2.61 11.15
CA MET B 204 -2.79 -2.11 9.81
C MET B 204 -3.94 -1.10 9.86
N SER B 205 -4.97 -1.37 10.66
CA SER B 205 -6.09 -0.43 10.78
C SER B 205 -5.64 0.92 11.33
N GLN B 206 -4.82 0.93 12.38
CA GLN B 206 -4.33 2.20 12.92
C GLN B 206 -3.39 2.88 11.94
N SER B 207 -2.58 2.10 11.20
CA SER B 207 -1.73 2.74 10.21
C SER B 207 -2.57 3.39 9.12
N HIS B 208 -3.65 2.72 8.70
CA HIS B 208 -4.53 3.31 7.70
C HIS B 208 -5.11 4.63 8.20
N LEU B 209 -5.57 4.66 9.45
CA LEU B 209 -6.12 5.88 10.01
C LEU B 209 -5.07 6.97 10.09
N ALA B 210 -3.85 6.61 10.55
CA ALA B 210 -2.76 7.59 10.59
C ALA B 210 -2.53 8.20 9.21
N ASN B 211 -2.51 7.36 8.17
CA ASN B 211 -2.33 7.86 6.81
C ASN B 211 -3.47 8.78 6.38
N GLN B 212 -4.70 8.54 6.85
CA GLN B 212 -5.79 9.39 6.33
C GLN B 212 -5.70 10.81 6.83
N PHE B 213 -5.33 11.04 8.09
CA PHE B 213 -5.42 12.42 8.55
C PHE B 213 -4.11 13.02 9.01
N ALA B 214 -2.99 12.34 8.80
CA ALA B 214 -1.69 12.94 9.08
C ALA B 214 -1.42 14.07 8.09
N THR B 215 -1.06 15.23 8.63
CA THR B 215 -0.45 16.26 7.81
C THR B 215 1.02 15.94 7.58
N GLY B 216 1.67 15.36 8.58
CA GLY B 216 3.04 14.90 8.42
C GLY B 216 3.29 13.74 9.35
N PHE B 217 4.46 13.12 9.18
CA PHE B 217 4.96 12.10 10.09
C PHE B 217 6.21 12.60 10.80
N ILE B 218 6.31 12.27 12.08
CA ILE B 218 7.49 12.59 12.89
C ILE B 218 8.21 11.28 13.18
N HIS B 219 9.50 11.24 12.91
CA HIS B 219 10.31 10.05 13.13
C HIS B 219 11.32 10.33 14.25
N ASN B 220 11.42 9.42 15.22
CA ASN B 220 12.42 9.57 16.28
C ASN B 220 13.73 9.04 15.74
N THR B 221 14.37 9.86 14.91
CA THR B 221 15.64 9.48 14.32
C THR B 221 16.32 10.74 13.81
N SER B 222 17.61 10.60 13.56
CA SER B 222 18.42 11.71 13.08
C SER B 222 18.94 11.37 11.68
N LYS B 223 18.94 12.38 10.81
CA LYS B 223 19.49 12.21 9.47
C LYS B 223 20.97 11.81 9.55
N ALA B 224 21.65 12.09 10.66
CA ALA B 224 23.00 11.60 10.84
C ALA B 224 23.06 10.08 10.91
N ILE B 225 21.96 9.44 11.29
CA ILE B 225 21.90 7.98 11.40
C ILE B 225 21.38 7.34 10.12
N GLU B 226 20.25 7.85 9.61
CA GLU B 226 19.51 7.20 8.53
C GLU B 226 19.02 8.19 7.48
N GLY B 227 19.68 9.35 7.34
CA GLY B 227 19.20 10.35 6.39
C GLY B 227 18.95 9.80 4.99
N LYS B 228 19.70 8.78 4.58
CA LYS B 228 19.47 8.17 3.28
C LYS B 228 18.06 7.60 3.17
N TYR B 229 17.59 6.91 4.21
CA TYR B 229 16.27 6.29 4.17
C TYR B 229 15.16 7.29 4.48
N VAL B 230 15.45 8.36 5.25
CA VAL B 230 14.51 9.46 5.37
C VAL B 230 14.28 10.09 3.99
N ASP B 231 15.36 10.30 3.23
CA ASP B 231 15.22 10.85 1.89
C ASP B 231 14.42 9.92 0.97
N PHE B 232 14.64 8.60 1.05
CA PHE B 232 13.81 7.68 0.27
C PHE B 232 12.33 7.83 0.63
N LEU B 233 12.02 7.78 1.93
CA LEU B 233 10.64 7.84 2.38
C LEU B 233 9.97 9.15 1.97
N ASP B 234 10.73 10.24 1.94
CA ASP B 234 10.15 11.55 1.66
C ASP B 234 9.77 11.77 0.19
N LYS B 235 10.24 10.92 -0.73
CA LYS B 235 9.87 11.05 -2.14
C LYS B 235 8.36 10.93 -2.31
N GLU B 236 7.81 11.71 -3.26
CA GLU B 236 6.38 11.68 -3.52
C GLU B 236 5.85 10.27 -3.79
N GLU B 237 6.64 9.43 -4.43
CA GLU B 237 6.18 8.07 -4.71
C GLU B 237 5.81 7.32 -3.44
N PHE B 238 6.56 7.53 -2.35
CA PHE B 238 6.32 6.72 -1.17
C PHE B 238 5.43 7.41 -0.13
N SER B 239 5.52 8.72 0.01
CA SER B 239 4.79 9.41 1.06
C SER B 239 3.95 10.55 0.51
N GLY B 240 3.99 10.74 -0.81
CA GLY B 240 3.18 11.68 -1.55
C GLY B 240 2.71 12.90 -0.80
N ASN B 241 3.62 13.85 -0.54
CA ASN B 241 3.25 15.15 -0.02
C ASN B 241 3.02 15.17 1.52
N ILE B 242 2.96 14.02 2.19
CA ILE B 242 3.02 13.99 3.65
C ILE B 242 4.48 14.21 4.04
N LYS B 243 4.75 15.27 4.81
CA LYS B 243 6.15 15.58 5.12
C LYS B 243 6.71 14.60 6.16
N GLN B 244 7.99 14.31 6.05
CA GLN B 244 8.67 13.34 6.92
C GLN B 244 9.73 14.06 7.73
N TRP B 245 9.48 14.23 9.03
CA TRP B 245 10.35 14.99 9.91
C TRP B 245 11.22 14.06 10.74
N ALA B 246 12.54 14.20 10.61
CA ALA B 246 13.51 13.47 11.44
C ALA B 246 13.92 14.35 12.62
N LEU B 247 13.25 14.20 13.75
CA LEU B 247 13.43 15.10 14.89
C LEU B 247 14.17 14.46 16.07
N GLY B 248 14.83 13.33 15.84
CA GLY B 248 15.45 12.64 16.94
C GLY B 248 16.96 12.71 16.91
N PRO B 249 17.60 12.05 17.88
CA PRO B 249 16.99 11.24 18.95
C PRO B 249 16.23 12.04 19.97
N PHE B 250 15.12 11.52 20.50
CA PHE B 250 14.42 12.27 21.54
C PHE B 250 15.15 12.17 22.88
N ASN B 251 15.97 11.14 23.07
CA ASN B 251 16.70 11.06 24.32
C ASN B 251 17.74 12.17 24.41
N PRO B 252 18.05 12.64 25.62
CA PRO B 252 19.10 13.65 25.79
C PRO B 252 20.44 13.16 25.27
N VAL B 253 21.33 14.10 24.97
CA VAL B 253 22.70 13.78 24.59
C VAL B 253 23.65 13.94 25.77
N SER B 254 23.12 14.29 26.94
CA SER B 254 23.84 14.50 28.17
C SER B 254 22.88 14.18 29.30
N VAL B 255 23.40 13.64 30.40
CA VAL B 255 22.47 13.21 31.45
C VAL B 255 22.47 14.09 32.71
N ARG B 262 22.85 8.19 43.39
CA ARG B 262 23.63 7.38 42.46
C ARG B 262 23.30 5.91 42.61
N HIS B 263 22.51 5.41 41.64
CA HIS B 263 22.02 4.03 41.57
C HIS B 263 23.16 3.04 41.81
N LYS B 264 22.84 1.84 42.30
CA LYS B 264 23.89 0.87 42.60
C LYS B 264 24.70 0.47 41.36
N CYS B 265 24.05 0.37 40.20
CA CYS B 265 24.77 0.12 38.95
C CYS B 265 25.87 1.13 38.69
N LEU B 266 25.60 2.40 38.96
CA LEU B 266 26.62 3.41 38.66
C LEU B 266 27.81 3.30 39.61
N ASN B 267 27.57 2.97 40.89
CA ASN B 267 28.70 2.77 41.79
C ASN B 267 29.55 1.60 41.34
N PHE B 268 28.91 0.53 40.85
CA PHE B 268 29.64 -0.59 40.26
C PHE B 268 30.46 -0.15 39.06
N LEU B 269 29.87 0.66 38.18
CA LEU B 269 30.61 1.18 37.02
C LEU B 269 31.79 2.05 37.44
N ASP B 270 31.62 2.85 38.49
CA ASP B 270 32.73 3.71 38.96
C ASP B 270 33.97 2.91 39.35
N LYS B 271 33.82 1.63 39.71
CA LYS B 271 34.97 0.81 40.09
C LYS B 271 35.70 0.17 38.92
N GLN B 272 35.19 0.26 37.69
CA GLN B 272 35.72 -0.56 36.61
C GLN B 272 36.62 0.26 35.70
N SER B 273 37.34 -0.45 34.83
CA SER B 273 38.21 0.18 33.86
C SER B 273 37.39 0.71 32.68
N PRO B 274 37.98 1.57 31.85
CA PRO B 274 37.24 2.11 30.70
C PRO B 274 36.81 1.02 29.70
N ARG B 275 35.58 1.16 29.21
CA ARG B 275 35.06 0.33 28.13
C ARG B 275 35.12 -1.15 28.46
N SER B 276 34.99 -1.51 29.73
CA SER B 276 35.15 -2.90 30.16
C SER B 276 33.86 -3.60 30.55
N VAL B 277 32.74 -2.87 30.64
CA VAL B 277 31.50 -3.43 31.18
C VAL B 277 30.48 -3.61 30.07
N MET B 278 29.98 -4.83 29.93
CA MET B 278 28.90 -5.17 29.02
C MET B 278 27.56 -4.94 29.71
N TYR B 279 26.75 -4.04 29.15
CA TYR B 279 25.41 -3.78 29.67
C TYR B 279 24.40 -4.64 28.91
N VAL B 280 23.53 -5.34 29.66
CA VAL B 280 22.58 -6.30 29.07
C VAL B 280 21.17 -5.91 29.49
N SER B 281 20.33 -5.54 28.53
CA SER B 281 18.98 -5.15 28.90
C SER B 281 18.07 -5.34 27.69
N PHE B 282 16.84 -5.77 27.94
CA PHE B 282 15.93 -6.12 26.85
C PHE B 282 14.63 -5.32 26.89
N GLY B 283 14.68 -4.07 27.35
CA GLY B 283 13.50 -3.23 27.23
C GLY B 283 12.38 -3.66 28.15
N THR B 284 11.14 -3.45 27.70
CA THR B 284 9.96 -3.73 28.51
C THR B 284 8.99 -4.71 27.87
N THR B 285 9.27 -5.23 26.68
CA THR B 285 8.32 -6.10 25.97
C THR B 285 8.79 -7.54 25.81
N ILE B 286 9.92 -7.89 26.40
CA ILE B 286 10.56 -9.18 26.16
C ILE B 286 10.36 -10.08 27.37
N SER B 287 9.84 -11.29 27.14
CA SER B 287 9.66 -12.32 28.16
C SER B 287 10.46 -13.56 27.79
N PHE B 288 11.42 -13.92 28.63
CA PHE B 288 12.32 -15.04 28.39
C PHE B 288 11.80 -16.31 29.07
N THR B 289 12.00 -17.46 28.42
CA THR B 289 11.77 -18.74 29.07
C THR B 289 12.87 -19.01 30.10
N ASP B 290 12.52 -19.79 31.13
CA ASP B 290 13.49 -20.16 32.15
C ASP B 290 14.75 -20.74 31.52
N GLU B 291 14.60 -21.63 30.54
CA GLU B 291 15.75 -22.16 29.82
C GLU B 291 16.65 -21.05 29.29
N GLN B 292 16.07 -20.04 28.63
CA GLN B 292 16.88 -19.01 28.01
C GLN B 292 17.58 -18.09 29.03
N ILE B 293 16.95 -17.76 30.17
CA ILE B 293 17.70 -17.07 31.24
C ILE B 293 18.91 -17.89 31.67
N HIS B 294 18.75 -19.20 31.81
CA HIS B 294 19.87 -20.03 32.27
C HIS B 294 21.05 -19.93 31.30
N GLU B 295 20.77 -20.07 30.00
CA GLU B 295 21.85 -19.97 29.00
C GLU B 295 22.47 -18.58 29.01
N LEU B 296 21.65 -17.55 29.18
CA LEU B 296 22.21 -16.20 29.17
C LEU B 296 23.09 -15.99 30.41
N ALA B 297 22.69 -16.52 31.57
CA ALA B 297 23.52 -16.45 32.76
C ALA B 297 24.87 -17.13 32.54
N LEU B 298 24.87 -18.33 31.94
CA LEU B 298 26.14 -19.03 31.75
C LEU B 298 26.96 -18.39 30.63
N GLY B 299 26.31 -17.75 29.66
CA GLY B 299 27.06 -17.05 28.62
C GLY B 299 27.82 -15.85 29.15
N LEU B 300 27.20 -15.05 30.03
CA LEU B 300 27.90 -13.90 30.58
C LEU B 300 29.06 -14.32 31.49
N GLU B 301 28.88 -15.40 32.25
CA GLU B 301 29.98 -15.93 33.05
C GLU B 301 31.11 -16.42 32.15
N LYS B 302 30.75 -17.22 31.16
CA LYS B 302 31.71 -17.79 30.23
C LYS B 302 32.40 -16.72 29.39
N SER B 303 31.81 -15.53 29.26
CA SER B 303 32.49 -14.48 28.53
C SER B 303 33.67 -13.91 29.32
N GLU B 304 33.69 -14.13 30.63
CA GLU B 304 34.70 -13.62 31.55
C GLU B 304 34.81 -12.11 31.54
N GLN B 305 33.80 -11.41 31.03
CA GLN B 305 33.82 -9.95 31.04
C GLN B 305 32.97 -9.47 32.21
N HIS B 306 33.21 -8.21 32.61
CA HIS B 306 32.35 -7.54 33.57
C HIS B 306 31.02 -7.21 32.91
N PHE B 307 29.95 -7.17 33.72
CA PHE B 307 28.65 -6.93 33.11
C PHE B 307 27.65 -6.42 34.14
N ILE B 308 26.64 -5.72 33.62
CA ILE B 308 25.42 -5.35 34.33
C ILE B 308 24.27 -6.00 33.57
N TRP B 309 23.53 -6.89 34.23
CA TRP B 309 22.45 -7.63 33.61
C TRP B 309 21.13 -7.19 34.23
N VAL B 310 20.30 -6.50 33.43
CA VAL B 310 18.96 -6.10 33.87
C VAL B 310 18.04 -7.27 33.58
N LEU B 311 17.72 -8.03 34.62
CA LEU B 311 16.89 -9.24 34.52
C LEU B 311 15.53 -8.89 35.09
N ARG B 312 14.58 -8.60 34.21
CA ARG B 312 13.31 -8.05 34.67
C ARG B 312 12.23 -8.47 33.69
N GLU B 313 11.14 -9.02 34.21
CA GLU B 313 10.05 -9.46 33.34
C GLU B 313 9.47 -8.29 32.54
N ALA B 314 8.89 -8.60 31.37
CA ALA B 314 8.24 -7.56 30.59
C ALA B 314 7.12 -6.91 31.38
N ASP B 315 6.80 -5.66 31.02
CA ASP B 315 5.72 -4.92 31.65
C ASP B 315 4.36 -5.54 31.32
N ARG B 316 3.49 -5.62 32.33
CA ARG B 316 2.08 -5.81 32.07
C ARG B 316 1.46 -4.50 31.59
N GLY B 317 0.22 -4.58 31.10
CA GLY B 317 -0.48 -3.37 30.66
C GLY B 317 -0.76 -2.40 31.79
N ASP B 318 -0.60 -2.86 33.03
CA ASP B 318 -0.65 -2.02 34.21
C ASP B 318 0.47 -2.53 35.11
N ILE B 319 1.55 -1.76 35.27
CA ILE B 319 2.68 -2.26 36.03
C ILE B 319 2.46 -2.18 37.53
N TYR B 320 1.30 -1.70 37.98
CA TYR B 320 0.96 -1.71 39.39
C TYR B 320 -0.04 -2.79 39.71
N ALA B 321 -0.45 -3.57 38.72
CA ALA B 321 -1.37 -4.67 38.88
C ALA B 321 -0.61 -5.99 38.77
N GLY B 322 -1.14 -7.02 39.41
CA GLY B 322 -0.59 -8.33 39.19
C GLY B 322 0.69 -8.52 39.95
N THR B 323 1.21 -9.73 39.88
CA THR B 323 2.37 -10.14 40.63
C THR B 323 3.52 -10.37 39.67
N GLU B 324 4.75 -10.26 40.15
CA GLU B 324 5.85 -10.36 39.20
C GLU B 324 6.50 -11.73 39.27
N ARG B 325 7.39 -11.96 38.32
CA ARG B 325 7.99 -13.24 38.07
C ARG B 325 9.37 -13.32 38.69
N THR B 327 12.63 -14.72 38.65
CA THR B 327 13.11 -15.89 37.91
C THR B 327 14.44 -16.44 38.45
N GLU B 328 14.47 -17.77 38.44
CA GLU B 328 15.41 -18.63 39.16
C GLU B 328 16.82 -18.50 38.58
N LEU B 329 17.77 -18.05 39.37
CA LEU B 329 19.16 -18.12 38.92
C LEU B 329 19.79 -19.45 39.33
N PRO B 330 20.85 -19.87 38.64
CA PRO B 330 21.48 -21.15 38.98
C PRO B 330 22.12 -21.12 40.37
N ASN B 331 22.33 -22.33 40.91
CA ASN B 331 22.78 -22.48 42.30
C ASN B 331 24.18 -21.93 42.47
N GLY B 332 24.34 -20.98 43.38
CA GLY B 332 25.62 -20.35 43.62
C GLY B 332 26.13 -19.47 42.50
N TYR B 333 25.35 -19.29 41.43
CA TYR B 333 25.75 -18.40 40.34
C TYR B 333 26.09 -17.00 40.86
N GLU B 334 25.15 -16.38 41.57
CA GLU B 334 25.33 -14.99 42.04
C GLU B 334 26.50 -14.85 43.02
N ARG B 336 29.49 -16.94 42.28
CA ARG B 336 30.68 -17.03 41.45
C ARG B 336 31.00 -15.75 40.68
N ILE B 337 29.96 -14.99 40.31
CA ILE B 337 30.14 -13.80 39.47
C ILE B 337 30.23 -12.52 40.29
N LYS B 338 30.29 -12.64 41.62
CA LYS B 338 30.20 -11.48 42.50
C LYS B 338 31.10 -10.33 42.07
N GLU B 339 32.36 -10.62 41.78
CA GLU B 339 33.30 -9.57 41.41
C GLU B 339 33.20 -9.21 39.93
N LYS B 340 32.58 -10.06 39.12
CA LYS B 340 32.49 -9.83 37.69
C LYS B 340 31.19 -9.13 37.27
N GLY B 341 30.05 -9.68 37.69
CA GLY B 341 28.76 -9.21 37.19
C GLY B 341 27.92 -8.60 38.29
N MET B 342 27.02 -7.70 37.90
CA MET B 342 26.00 -7.19 38.78
C MET B 342 24.64 -7.43 38.14
N MET B 343 23.72 -7.99 38.90
CA MET B 343 22.42 -8.40 38.39
C MET B 343 21.34 -7.63 39.12
N VAL B 344 20.53 -6.89 38.37
CA VAL B 344 19.53 -6.01 38.96
C VAL B 344 18.18 -6.34 38.33
N ARG B 345 17.13 -6.19 39.14
CA ARG B 345 15.81 -6.64 38.74
C ARG B 345 14.81 -5.50 38.69
N ASP B 346 15.27 -4.26 38.79
CA ASP B 346 14.39 -3.11 38.79
C ASP B 346 14.69 -2.18 37.63
N TRP B 347 14.21 -0.95 37.70
CA TRP B 347 14.35 0.03 36.64
C TRP B 347 15.66 0.77 36.81
N VAL B 348 16.50 0.78 35.76
CA VAL B 348 17.83 1.35 35.87
C VAL B 348 17.96 2.62 35.05
N PRO B 349 18.92 3.50 35.36
CA PRO B 349 19.17 4.68 34.50
C PRO B 349 19.98 4.31 33.26
N GLN B 350 19.26 3.80 32.25
CA GLN B 350 19.90 3.21 31.06
C GLN B 350 20.80 4.20 30.32
N LEU B 351 20.29 5.40 30.04
CA LEU B 351 21.09 6.38 29.29
C LEU B 351 22.36 6.76 30.05
N GLU B 352 22.25 6.94 31.37
CA GLU B 352 23.42 7.24 32.20
C GLU B 352 24.42 6.09 32.19
N ILE B 353 23.93 4.85 32.30
CA ILE B 353 24.82 3.69 32.19
C ILE B 353 25.55 3.72 30.85
N LEU B 354 24.82 3.99 29.76
CA LEU B 354 25.46 3.96 28.46
C LEU B 354 26.43 5.12 28.28
N ALA B 355 26.20 6.25 28.94
CA ALA B 355 27.12 7.38 28.91
C ALA B 355 28.36 7.16 29.78
N HIS B 356 28.40 6.10 30.59
CA HIS B 356 29.51 5.93 31.53
C HIS B 356 30.76 5.47 30.78
N PRO B 357 31.93 6.05 31.09
CA PRO B 357 33.16 5.64 30.39
C PRO B 357 33.53 4.18 30.58
N SER B 358 33.03 3.51 31.63
CA SER B 358 33.33 2.11 31.86
C SER B 358 32.51 1.17 30.98
N THR B 359 31.44 1.67 30.36
CA THR B 359 30.56 0.81 29.57
C THR B 359 31.17 0.53 28.21
N GLY B 360 31.28 -0.75 27.86
CA GLY B 360 31.99 -1.12 26.65
C GLY B 360 31.11 -1.70 25.56
N GLY B 361 29.91 -2.16 25.92
CA GLY B 361 29.02 -2.74 24.94
C GLY B 361 27.62 -2.83 25.53
N PHE B 362 26.67 -3.09 24.65
CA PHE B 362 25.25 -3.11 25.01
C PHE B 362 24.61 -4.29 24.28
N MET B 363 24.27 -5.33 25.03
CA MET B 363 23.46 -6.44 24.51
C MET B 363 22.00 -6.06 24.66
N SER B 364 21.30 -6.01 23.53
CA SER B 364 20.01 -5.34 23.41
C SER B 364 19.08 -6.13 22.51
N HIS B 365 17.78 -6.03 22.77
CA HIS B 365 16.81 -6.55 21.81
C HIS B 365 16.62 -5.62 20.61
N CYS B 366 17.32 -4.46 20.58
CA CYS B 366 17.24 -3.45 19.52
C CYS B 366 15.84 -2.91 19.33
N GLY B 367 15.09 -2.78 20.42
CA GLY B 367 14.03 -1.80 20.42
C GLY B 367 14.63 -0.47 20.00
N TRP B 368 13.87 0.37 19.29
CA TRP B 368 14.50 1.52 18.66
C TRP B 368 14.96 2.56 19.66
N ASN B 369 14.24 2.76 20.77
CA ASN B 369 14.68 3.73 21.76
C ASN B 369 15.99 3.28 22.42
N SER B 370 16.17 1.98 22.61
CA SER B 370 17.43 1.49 23.14
C SER B 370 18.55 1.63 22.10
N CYS B 371 18.25 1.38 20.83
CA CYS B 371 19.24 1.65 19.78
C CYS B 371 19.67 3.11 19.81
N LEU B 372 18.71 4.01 19.96
CA LEU B 372 19.04 5.43 19.95
C LEU B 372 19.90 5.79 21.15
N ASP B 373 19.59 5.20 22.32
CA ASP B 373 20.40 5.43 23.51
C ASP B 373 21.86 5.06 23.23
N SER B 374 22.07 3.87 22.68
CA SER B 374 23.41 3.36 22.42
C SER B 374 24.11 4.17 21.34
N LEU B 375 23.38 4.47 20.27
CA LEU B 375 23.89 5.23 19.14
C LEU B 375 24.33 6.61 19.59
N THR B 376 23.53 7.22 20.48
CA THR B 376 23.85 8.56 20.99
C THR B 376 25.15 8.54 21.77
N MET B 377 25.36 7.51 22.58
CA MET B 377 26.49 7.53 23.48
C MET B 377 27.69 6.79 22.92
N GLY B 378 27.60 6.27 21.70
CA GLY B 378 28.74 5.67 21.06
C GLY B 378 29.08 4.28 21.56
N VAL B 379 28.10 3.51 22.00
CA VAL B 379 28.33 2.18 22.55
C VAL B 379 27.94 1.13 21.52
N PRO B 380 28.83 0.20 21.18
CA PRO B 380 28.48 -0.82 20.19
C PRO B 380 27.47 -1.81 20.74
N VAL B 381 26.67 -2.37 19.82
CA VAL B 381 25.49 -3.18 20.16
C VAL B 381 25.74 -4.65 19.84
N ALA B 382 25.45 -5.52 20.80
CA ALA B 382 25.31 -6.95 20.54
C ALA B 382 23.83 -7.20 20.29
N ALA B 383 23.46 -7.37 19.02
CA ALA B 383 22.04 -7.35 18.63
C ALA B 383 21.39 -8.71 18.84
N TRP B 384 20.29 -8.71 19.58
CA TRP B 384 19.48 -9.90 19.79
C TRP B 384 18.01 -9.53 19.55
N PRO B 385 17.64 -9.25 18.30
CA PRO B 385 16.24 -8.89 18.02
C PRO B 385 15.29 -10.06 18.24
N MET B 386 14.10 -9.74 18.74
CA MET B 386 13.04 -10.70 19.03
C MET B 386 11.77 -10.56 18.21
N HIS B 387 11.21 -9.36 18.06
CA HIS B 387 9.90 -9.25 17.44
C HIS B 387 9.77 -7.88 16.78
N SER B 388 8.63 -7.69 16.08
CA SER B 388 8.28 -6.43 15.44
C SER B 388 9.40 -5.82 14.61
N ASP B 389 9.78 -4.59 14.94
CA ASP B 389 10.76 -3.84 14.16
C ASP B 389 12.20 -4.19 14.49
N GLN B 390 12.42 -4.96 15.54
CA GLN B 390 13.77 -5.22 16.02
C GLN B 390 14.68 -5.89 14.98
N PRO B 391 14.25 -6.88 14.21
CA PRO B 391 15.21 -7.47 13.25
C PRO B 391 15.72 -6.47 12.25
N ARG B 392 14.88 -5.52 11.80
CA ARG B 392 15.34 -4.54 10.82
C ARG B 392 16.14 -3.41 11.48
N ASN B 393 15.74 -2.98 12.69
CA ASN B 393 16.58 -2.07 13.46
C ASN B 393 17.98 -2.69 13.64
N ALA B 394 18.02 -3.97 13.99
CA ALA B 394 19.29 -4.67 14.19
C ALA B 394 20.13 -4.72 12.91
N MET B 395 19.50 -4.90 11.74
CA MET B 395 20.33 -4.95 10.54
C MET B 395 20.83 -3.57 10.17
N LEU B 396 20.05 -2.51 10.46
CA LEU B 396 20.56 -1.15 10.31
C LEU B 396 21.81 -0.95 11.15
N VAL B 397 21.75 -1.33 12.43
CA VAL B 397 22.85 -1.13 13.36
C VAL B 397 24.05 -2.01 12.99
N VAL B 398 23.80 -3.31 12.73
CA VAL B 398 24.90 -4.25 12.56
C VAL B 398 25.44 -4.26 11.13
N ASP B 399 24.55 -4.35 10.13
CA ASP B 399 24.99 -4.57 8.76
C ASP B 399 25.15 -3.29 7.96
N VAL B 400 24.36 -2.25 8.24
CA VAL B 400 24.41 -1.03 7.45
C VAL B 400 25.39 -0.07 8.09
N LEU B 401 25.17 0.28 9.35
CA LEU B 401 26.04 1.21 10.06
C LEU B 401 27.33 0.55 10.55
N LYS B 402 27.33 -0.77 10.73
CA LYS B 402 28.51 -1.53 11.16
C LYS B 402 29.01 -1.10 12.54
N ILE B 403 28.09 -0.94 13.48
CA ILE B 403 28.48 -0.59 14.84
C ILE B 403 27.95 -1.61 15.83
N GLY B 404 27.83 -2.85 15.39
CA GLY B 404 27.40 -3.91 16.28
C GLY B 404 27.74 -5.27 15.70
N THR B 405 27.29 -6.30 16.43
CA THR B 405 27.42 -7.69 16.00
C THR B 405 26.17 -8.43 16.44
N PHE B 406 25.81 -9.48 15.71
CA PHE B 406 24.62 -10.25 16.07
C PHE B 406 24.93 -11.28 17.15
N VAL B 407 23.98 -11.44 18.08
CA VAL B 407 24.02 -12.52 19.07
C VAL B 407 23.36 -13.75 18.47
N ASN B 408 22.10 -13.61 18.10
CA ASN B 408 21.33 -14.68 17.48
C ASN B 408 21.42 -14.60 15.97
N ASP B 409 20.95 -15.65 15.31
CA ASP B 409 20.89 -15.63 13.86
C ASP B 409 19.41 -15.63 13.50
N TRP B 410 18.98 -14.61 12.75
CA TRP B 410 17.55 -14.36 12.63
C TRP B 410 16.82 -15.53 11.95
N GLU B 411 17.48 -16.20 11.00
CA GLU B 411 16.84 -17.34 10.34
C GLU B 411 16.75 -18.58 11.23
N LYS B 412 17.40 -18.57 12.40
CA LYS B 412 17.29 -19.63 13.40
C LYS B 412 16.56 -19.16 14.65
N ARG B 413 15.63 -18.20 14.51
CA ARG B 413 15.11 -17.49 15.69
C ARG B 413 14.32 -18.39 16.61
N SER B 414 13.71 -19.46 16.09
CA SER B 414 12.97 -20.38 16.94
C SER B 414 13.87 -21.20 17.86
N GLU B 415 15.19 -21.15 17.70
CA GLU B 415 16.09 -21.98 18.47
C GLU B 415 16.67 -21.25 19.67
N LEU B 416 17.04 -22.03 20.68
CA LEU B 416 17.62 -21.50 21.91
C LEU B 416 18.97 -20.84 21.61
N VAL B 417 19.19 -19.65 22.15
CA VAL B 417 20.48 -18.99 21.97
C VAL B 417 21.42 -19.51 23.07
N SER B 418 22.49 -20.18 22.65
CA SER B 418 23.33 -20.88 23.60
C SER B 418 24.29 -19.95 24.33
N SER B 419 24.73 -20.38 25.51
CA SER B 419 25.69 -19.60 26.26
C SER B 419 27.00 -19.41 25.52
N ALA B 420 27.31 -20.31 24.57
CA ALA B 420 28.54 -20.12 23.78
C ALA B 420 28.37 -19.00 22.76
N MET B 421 27.23 -18.94 22.07
CA MET B 421 26.98 -17.79 21.19
C MET B 421 27.00 -16.48 21.95
N ILE B 422 26.50 -16.47 23.19
CA ILE B 422 26.43 -15.23 23.96
C ILE B 422 27.82 -14.81 24.40
N ALA B 423 28.62 -15.78 24.87
CA ALA B 423 29.98 -15.47 25.28
C ALA B 423 30.80 -14.92 24.11
N LYS B 424 30.62 -15.48 22.92
CA LYS B 424 31.35 -15.03 21.75
C LYS B 424 31.02 -13.56 21.46
N ALA B 425 29.73 -13.22 21.46
CA ALA B 425 29.31 -11.86 21.15
C ALA B 425 29.86 -10.85 22.16
N VAL B 426 29.80 -11.20 23.45
CA VAL B 426 30.29 -10.28 24.47
C VAL B 426 31.80 -10.07 24.35
N LYS B 427 32.55 -11.16 24.22
CA LYS B 427 34.01 -11.05 24.08
C LYS B 427 34.38 -10.26 22.85
N LYS B 428 33.73 -10.53 21.71
CA LYS B 428 34.01 -9.79 20.48
C LYS B 428 33.88 -8.29 20.70
N LEU B 429 32.88 -7.87 21.47
CA LEU B 429 32.59 -6.45 21.55
C LEU B 429 33.46 -5.74 22.58
N VAL B 430 33.69 -6.36 23.74
CA VAL B 430 34.40 -5.69 24.83
C VAL B 430 35.90 -5.94 24.78
N ALA B 431 36.30 -7.19 24.60
CA ALA B 431 37.67 -7.60 24.83
C ALA B 431 38.51 -7.75 23.57
N SER B 432 37.89 -8.03 22.43
CA SER B 432 38.58 -8.58 21.28
C SER B 432 39.00 -7.51 20.29
N LYS B 433 40.13 -7.77 19.63
CA LYS B 433 40.59 -6.88 18.56
C LYS B 433 39.63 -6.87 17.37
N GLU B 434 38.86 -7.95 17.15
CA GLU B 434 37.88 -7.89 16.05
C GLU B 434 36.81 -6.85 16.32
N GLY B 435 36.54 -6.54 17.58
CA GLY B 435 35.58 -5.48 17.84
C GLY B 435 36.13 -4.08 17.68
N ALA B 436 37.45 -3.92 17.43
CA ALA B 436 38.06 -2.60 17.46
C ALA B 436 37.49 -1.70 16.38
N GLU B 437 37.28 -2.24 15.18
CA GLU B 437 36.70 -1.47 14.10
C GLU B 437 35.26 -1.11 14.42
N ILE B 438 34.53 -2.04 15.05
CA ILE B 438 33.15 -1.78 15.47
C ILE B 438 33.09 -0.68 16.52
N ARG B 439 33.95 -0.76 17.56
CA ARG B 439 33.86 0.28 18.59
C ARG B 439 34.26 1.64 18.04
N LYS B 440 35.26 1.69 17.16
CA LYS B 440 35.67 2.98 16.62
C LYS B 440 34.57 3.60 15.77
N ARG B 441 33.85 2.78 15.00
CA ARG B 441 32.73 3.32 14.22
C ARG B 441 31.57 3.72 15.13
N ALA B 442 31.35 2.97 16.20
CA ALA B 442 30.30 3.32 17.17
C ALA B 442 30.62 4.65 17.85
N VAL B 443 31.89 4.89 18.18
CA VAL B 443 32.26 6.17 18.79
C VAL B 443 32.04 7.31 17.79
N GLU B 444 32.39 7.09 16.53
CA GLU B 444 32.21 8.12 15.50
C GLU B 444 30.73 8.43 15.27
N MET B 445 29.89 7.40 15.26
CA MET B 445 28.43 7.61 15.16
C MET B 445 27.92 8.45 16.34
N GLY B 446 28.34 8.11 17.56
CA GLY B 446 27.92 8.89 18.71
C GLY B 446 28.27 10.36 18.57
N ALA B 447 29.48 10.64 18.09
CA ALA B 447 29.89 12.02 17.85
C ALA B 447 28.95 12.71 16.87
N ALA B 448 28.60 12.05 15.77
CA ALA B 448 27.77 12.68 14.75
C ALA B 448 26.33 12.83 15.24
N VAL B 449 25.83 11.85 16.00
CA VAL B 449 24.50 11.98 16.58
C VAL B 449 24.44 13.16 17.53
N ARG B 450 25.35 13.22 18.51
CA ARG B 450 25.31 14.33 19.46
C ARG B 450 25.49 15.66 18.74
N GLN B 451 26.28 15.67 17.66
CA GLN B 451 26.46 16.91 16.91
C GLN B 451 25.17 17.33 16.21
N SER B 452 24.38 16.37 15.72
CA SER B 452 23.16 16.70 14.97
C SER B 452 22.14 17.43 15.84
N VAL B 453 22.24 17.32 17.16
CA VAL B 453 21.31 17.95 18.09
C VAL B 453 21.81 19.30 18.60
N ALA B 454 23.08 19.63 18.40
CA ALA B 454 23.63 20.92 18.80
C ALA B 454 23.29 22.02 17.79
N ASP B 455 23.64 23.27 18.14
CA ASP B 455 23.48 24.40 17.22
C ASP B 455 24.03 24.10 15.84
N GLY B 456 23.25 24.43 14.81
CA GLY B 456 23.65 24.16 13.46
C GLY B 456 23.61 22.71 13.04
N GLY B 457 23.27 21.79 13.95
CA GLY B 457 23.18 20.39 13.58
C GLY B 457 21.94 20.09 12.76
N VAL B 458 21.98 18.97 12.04
CA VAL B 458 20.92 18.70 11.06
C VAL B 458 19.59 18.48 11.77
N THR B 459 19.60 17.79 12.92
CA THR B 459 18.34 17.61 13.66
C THR B 459 17.87 18.95 14.23
N ARG B 460 18.80 19.76 14.72
CA ARG B 460 18.38 21.06 15.25
C ARG B 460 17.74 21.90 14.16
N MET B 461 18.26 21.83 12.94
CA MET B 461 17.64 22.62 11.86
C MET B 461 16.31 22.03 11.43
N GLU B 462 16.18 20.70 11.41
CA GLU B 462 14.86 20.10 11.19
C GLU B 462 13.86 20.60 12.23
N LEU B 463 14.27 20.59 13.51
CA LEU B 463 13.35 20.98 14.58
C LEU B 463 12.95 22.44 14.49
N ASP B 464 13.90 23.34 14.21
CA ASP B 464 13.60 24.75 13.98
C ASP B 464 12.58 24.91 12.85
N SER B 465 12.77 24.18 11.75
CA SER B 465 11.86 24.30 10.61
C SER B 465 10.49 23.70 10.92
N PHE B 466 10.47 22.59 11.67
CA PHE B 466 9.19 22.00 12.09
C PHE B 466 8.39 22.98 12.94
N ILE B 467 9.04 23.59 13.94
CA ILE B 467 8.37 24.54 14.81
C ILE B 467 7.82 25.69 13.98
N ALA B 468 8.60 26.15 13.00
CA ALA B 468 8.17 27.30 12.21
C ALA B 468 6.95 26.96 11.37
N GLN B 469 6.85 25.73 10.86
CA GLN B 469 5.71 25.33 10.04
C GLN B 469 4.45 25.13 10.88
N ILE B 470 4.57 24.43 12.03
CA ILE B 470 3.38 24.27 12.88
C ILE B 470 2.94 25.59 13.49
N SER B 471 3.81 26.61 13.51
CA SER B 471 3.43 27.92 14.05
C SER B 471 3.05 28.94 13.00
N ARG B 472 2.98 28.54 11.72
CA ARG B 472 2.65 29.49 10.68
C ARG B 472 1.25 30.03 10.89
N ILE B 473 1.00 31.23 10.39
CA ILE B 473 -0.39 31.65 10.39
C ILE B 473 -0.78 31.89 8.96
#